data_7TM5
#
_entry.id   7TM5
#
_cell.length_a   44.256
_cell.length_b   115.387
_cell.length_c   183.599
_cell.angle_alpha   90.000
_cell.angle_beta   90.000
_cell.angle_gamma   90.000
#
_symmetry.space_group_name_H-M   'P 21 21 21'
#
loop_
_entity.id
_entity.type
_entity.pdbx_description
1 polymer '3-phosphoshikimate 1-carboxyvinyltransferase'
2 non-polymer SHIKIMATE-3-PHOSPHATE
3 non-polymer 'FORMIC ACID'
4 non-polymer 'PHOSPHATE ION'
5 non-polymer 'PENTAETHYLENE GLYCOL'
6 non-polymer GLYCEROL
7 non-polymer 'NITRATE ION'
8 water water
#
_entity_poly.entity_id   1
_entity_poly.type   'polypeptide(L)'
_entity_poly.pdbx_seq_one_letter_code
;MAHHHHHHMESLTLQPIARVEGTVNLPGSKSVSNRALLLAALARGTTVLTNLLDSDDVRHMLNALSALGVQYTLSADRTR
CEVTGNGGPLRSAAALELFLGNAGTAMRPLAAALCLGSNDIVLTGEPRMKERPIGHLVDALRQGGAQIDCLEQENYPPLR
LRGGFQGGNVEVDGSVSSQFLTALLMTAPLAPQDTVIVIKGDLVSKPYIDITLHLMKTFGVEVDNQSYQRFVVRGKQQYQ
SPGDYLVEGDASSASYFLAAGAIKGGTVKVTGIGRNSVQGDIRFADVLEKMGATVTWGDDFIACTHGELKAVDMDMNHIP
DAAMTIATAALFAQGTTTLRNIYNWRVKETDRLFAMATELRKVGAEVEEGEDYIRITPPAKLKYAEIGTYNDHRMAMCFS
LVALSDTPVTILDPKCTAKTFPDYFEQLARISTLA
;
_entity_poly.pdbx_strand_id   A,B
#
loop_
_chem_comp.id
_chem_comp.type
_chem_comp.name
_chem_comp.formula
1PE non-polymer 'PENTAETHYLENE GLYCOL' 'C10 H22 O6'
FMT non-polymer 'FORMIC ACID' 'C H2 O2'
GOL non-polymer GLYCEROL 'C3 H8 O3'
NO3 non-polymer 'NITRATE ION' 'N O3 -1'
PO4 non-polymer 'PHOSPHATE ION' 'O4 P -3'
S3P non-polymer SHIKIMATE-3-PHOSPHATE 'C7 H11 O8 P'
#
# COMPACT_ATOMS: atom_id res chain seq x y z
N GLU A 10 -46.85 4.56 -7.13
CA GLU A 10 -46.59 3.33 -6.38
C GLU A 10 -45.59 3.59 -5.27
N SER A 11 -45.77 2.88 -4.18
CA SER A 11 -44.85 2.93 -3.05
C SER A 11 -44.90 1.62 -2.30
N LEU A 12 -43.85 1.37 -1.54
CA LEU A 12 -43.74 0.21 -0.66
C LEU A 12 -43.25 0.71 0.70
N THR A 13 -44.02 0.44 1.74
CA THR A 13 -43.59 0.76 3.10
C THR A 13 -42.96 -0.48 3.71
N LEU A 14 -41.72 -0.35 4.15
CA LEU A 14 -41.01 -1.39 4.89
C LEU A 14 -41.17 -1.13 6.38
N GLN A 15 -41.76 -2.09 7.07
CA GLN A 15 -41.96 -2.07 8.50
C GLN A 15 -40.65 -2.34 9.21
N PRO A 16 -40.49 -1.86 10.44
CA PRO A 16 -39.22 -2.04 11.14
C PRO A 16 -38.85 -3.50 11.29
N ILE A 17 -37.57 -3.78 11.03
CA ILE A 17 -36.99 -5.11 11.00
C ILE A 17 -36.12 -5.28 12.24
N ALA A 18 -36.46 -6.26 13.09
CA ALA A 18 -35.72 -6.47 14.32
C ALA A 18 -34.45 -7.29 14.12
N ARG A 19 -34.38 -8.11 13.08
CA ARG A 19 -33.24 -8.99 12.89
C ARG A 19 -33.22 -9.44 11.44
N VAL A 20 -32.03 -9.54 10.86
CA VAL A 20 -31.84 -10.22 9.58
C VAL A 20 -30.86 -11.36 9.78
N GLU A 21 -31.11 -12.46 9.09
CA GLU A 21 -30.18 -13.58 9.11
C GLU A 21 -30.61 -14.55 8.03
N GLY A 22 -29.64 -15.28 7.52
CA GLY A 22 -29.93 -16.35 6.57
C GLY A 22 -28.95 -16.34 5.42
N THR A 23 -29.37 -16.97 4.33
CA THR A 23 -28.54 -17.20 3.16
C THR A 23 -29.28 -16.76 1.92
N VAL A 24 -28.63 -15.93 1.11
CA VAL A 24 -29.19 -15.37 -0.12
C VAL A 24 -28.42 -15.95 -1.29
N ASN A 25 -29.14 -16.63 -2.18
CA ASN A 25 -28.57 -17.11 -3.44
C ASN A 25 -28.69 -15.98 -4.45
N LEU A 26 -27.55 -15.42 -4.81
CA LEU A 26 -27.59 -14.17 -5.59
C LEU A 26 -28.06 -14.35 -7.03
N PRO A 27 -28.80 -13.37 -7.53
CA PRO A 27 -29.03 -13.34 -8.97
C PRO A 27 -27.73 -13.03 -9.68
N GLY A 28 -27.71 -13.27 -10.99
CA GLY A 28 -26.49 -13.08 -11.75
C GLY A 28 -26.03 -11.63 -11.77
N SER A 29 -24.73 -11.47 -11.99
CA SER A 29 -24.11 -10.16 -12.16
C SER A 29 -24.56 -9.47 -13.44
N LYS A 30 -25.03 -8.23 -13.32
CA LYS A 30 -25.36 -7.44 -14.50
C LYS A 30 -24.12 -7.17 -15.35
N SER A 31 -23.03 -6.75 -14.71
CA SER A 31 -21.80 -6.40 -15.44
C SER A 31 -21.27 -7.60 -16.23
N VAL A 32 -21.21 -8.76 -15.57
CA VAL A 32 -20.74 -9.95 -16.26
C VAL A 32 -21.74 -10.40 -17.33
N SER A 33 -23.03 -10.38 -17.01
CA SER A 33 -24.05 -10.85 -17.95
C SER A 33 -23.97 -10.11 -19.27
N ASN A 34 -23.91 -8.78 -19.25
CA ASN A 34 -23.96 -8.05 -20.52
C ASN A 34 -22.64 -8.16 -21.29
N ARG A 35 -21.49 -8.23 -20.59
CA ARG A 35 -20.26 -8.52 -21.31
C ARG A 35 -20.30 -9.91 -21.95
N ALA A 36 -20.73 -10.91 -21.19
CA ALA A 36 -20.71 -12.27 -21.70
C ALA A 36 -21.67 -12.45 -22.87
N LEU A 37 -22.84 -11.79 -22.83
CA LEU A 37 -23.76 -11.87 -23.96
C LEU A 37 -23.14 -11.28 -25.22
N LEU A 38 -22.51 -10.10 -25.10
CA LEU A 38 -21.92 -9.50 -26.29
C LEU A 38 -20.76 -10.35 -26.83
N LEU A 39 -19.88 -10.80 -25.94
CA LEU A 39 -18.76 -11.63 -26.40
C LEU A 39 -19.24 -12.93 -27.01
N ALA A 40 -20.26 -13.58 -26.42
CA ALA A 40 -20.81 -14.79 -26.98
C ALA A 40 -21.43 -14.53 -28.35
N ALA A 41 -22.05 -13.37 -28.53
CA ALA A 41 -22.64 -13.07 -29.82
C ALA A 41 -21.57 -12.87 -30.89
N LEU A 42 -20.42 -12.31 -30.52
CA LEU A 42 -19.32 -12.11 -31.46
C LEU A 42 -18.52 -13.37 -31.74
N ALA A 43 -18.46 -14.28 -30.77
CA ALA A 43 -17.50 -15.37 -30.82
C ALA A 43 -17.86 -16.42 -31.85
N ARG A 44 -16.86 -17.22 -32.19
CA ARG A 44 -17.07 -18.47 -32.91
CA ARG A 44 -17.06 -18.47 -32.91
C ARG A 44 -17.49 -19.55 -31.93
N GLY A 45 -18.55 -20.27 -32.26
CA GLY A 45 -19.04 -21.36 -31.43
C GLY A 45 -20.27 -20.95 -30.63
N THR A 46 -20.87 -21.96 -30.01
CA THR A 46 -22.04 -21.76 -29.18
C THR A 46 -21.67 -21.74 -27.71
N THR A 47 -22.02 -20.65 -27.04
CA THR A 47 -21.75 -20.46 -25.62
C THR A 47 -23.03 -20.69 -24.83
N VAL A 48 -22.92 -21.44 -23.75
CA VAL A 48 -24.03 -21.64 -22.83
C VAL A 48 -23.73 -20.85 -21.58
N LEU A 49 -24.52 -19.82 -21.31
CA LEU A 49 -24.39 -19.00 -20.10
C LEU A 49 -25.36 -19.52 -19.05
N THR A 50 -24.83 -19.74 -17.84
CA THR A 50 -25.59 -20.19 -16.69
C THR A 50 -25.59 -19.07 -15.65
N ASN A 51 -26.73 -18.93 -14.96
CA ASN A 51 -26.89 -17.89 -13.94
C ASN A 51 -26.91 -16.48 -14.53
N LEU A 52 -27.32 -16.37 -15.79
CA LEU A 52 -27.54 -15.05 -16.38
C LEU A 52 -28.58 -14.29 -15.56
N LEU A 53 -28.37 -12.99 -15.41
CA LEU A 53 -29.33 -12.13 -14.73
C LEU A 53 -30.53 -11.85 -15.63
N ASP A 54 -31.73 -11.96 -15.06
CA ASP A 54 -32.96 -11.45 -15.67
C ASP A 54 -33.25 -10.09 -15.02
N SER A 55 -33.01 -9.01 -15.76
CA SER A 55 -33.31 -7.66 -15.26
C SER A 55 -33.44 -6.77 -16.49
N ASP A 56 -33.85 -5.51 -16.29
CA ASP A 56 -34.09 -4.63 -17.43
C ASP A 56 -32.84 -4.48 -18.28
N ASP A 57 -31.69 -4.24 -17.63
CA ASP A 57 -30.47 -3.96 -18.39
C ASP A 57 -30.08 -5.13 -19.28
N VAL A 58 -30.24 -6.35 -18.76
CA VAL A 58 -29.95 -7.53 -19.56
C VAL A 58 -30.98 -7.72 -20.66
N ARG A 59 -32.26 -7.53 -20.34
CA ARG A 59 -33.30 -7.65 -21.36
CA ARG A 59 -33.31 -7.64 -21.35
CA ARG A 59 -33.31 -7.63 -21.34
C ARG A 59 -33.05 -6.69 -22.52
N HIS A 60 -32.60 -5.47 -22.25
CA HIS A 60 -32.32 -4.54 -23.34
C HIS A 60 -31.16 -5.03 -24.21
N MET A 61 -30.13 -5.61 -23.58
CA MET A 61 -29.06 -6.22 -24.38
C MET A 61 -29.60 -7.39 -25.22
N LEU A 62 -30.39 -8.28 -24.60
CA LEU A 62 -30.93 -9.42 -25.34
C LEU A 62 -31.78 -8.96 -26.52
N ASN A 63 -32.63 -7.96 -26.29
CA ASN A 63 -33.48 -7.47 -27.36
C ASN A 63 -32.67 -6.88 -28.49
N ALA A 64 -31.60 -6.14 -28.16
CA ALA A 64 -30.76 -5.55 -29.19
C ALA A 64 -30.09 -6.64 -30.00
N LEU A 65 -29.55 -7.65 -29.32
CA LEU A 65 -28.88 -8.74 -30.02
C LEU A 65 -29.85 -9.46 -30.94
N SER A 66 -31.09 -9.71 -30.47
CA SER A 66 -32.11 -10.32 -31.31
CA SER A 66 -32.08 -10.34 -31.33
C SER A 66 -32.36 -9.48 -32.55
N ALA A 67 -32.52 -8.17 -32.36
CA ALA A 67 -32.81 -7.29 -33.50
C ALA A 67 -31.67 -7.27 -34.51
N LEU A 68 -30.45 -7.48 -34.05
CA LEU A 68 -29.27 -7.52 -34.88
C LEU A 68 -29.02 -8.88 -35.50
N GLY A 69 -29.93 -9.85 -35.31
CA GLY A 69 -29.81 -11.14 -35.97
C GLY A 69 -29.07 -12.22 -35.22
N VAL A 70 -28.70 -11.98 -33.97
CA VAL A 70 -28.01 -12.99 -33.17
C VAL A 70 -29.01 -14.06 -32.78
N GLN A 71 -28.62 -15.31 -32.94
CA GLN A 71 -29.45 -16.46 -32.63
C GLN A 71 -29.14 -16.95 -31.22
N TYR A 72 -30.15 -17.00 -30.36
CA TYR A 72 -29.95 -17.55 -29.02
C TYR A 72 -31.28 -18.10 -28.52
N THR A 73 -31.19 -18.95 -27.51
CA THR A 73 -32.35 -19.45 -26.80
CA THR A 73 -32.35 -19.46 -26.80
C THR A 73 -32.21 -19.14 -25.31
N LEU A 74 -33.33 -18.87 -24.67
CA LEU A 74 -33.40 -18.63 -23.24
C LEU A 74 -34.22 -19.71 -22.58
N SER A 75 -33.82 -20.10 -21.38
CA SER A 75 -34.62 -21.00 -20.57
C SER A 75 -35.90 -20.28 -20.13
N ALA A 76 -36.84 -21.06 -19.58
CA ALA A 76 -38.10 -20.48 -19.12
C ALA A 76 -37.85 -19.34 -18.14
N ASP A 77 -36.88 -19.49 -17.22
CA ASP A 77 -36.64 -18.46 -16.22
C ASP A 77 -35.65 -17.39 -16.68
N ARG A 78 -35.16 -17.48 -17.92
CA ARG A 78 -34.28 -16.48 -18.52
C ARG A 78 -32.89 -16.42 -17.89
N THR A 79 -32.49 -17.44 -17.12
CA THR A 79 -31.17 -17.47 -16.51
C THR A 79 -30.19 -18.42 -17.19
N ARG A 80 -30.65 -19.21 -18.16
CA ARG A 80 -29.75 -20.01 -18.99
C ARG A 80 -29.95 -19.59 -20.43
N CYS A 81 -28.85 -19.26 -21.10
CA CYS A 81 -28.92 -18.70 -22.45
C CYS A 81 -27.89 -19.39 -23.33
N GLU A 82 -28.34 -19.99 -24.41
CA GLU A 82 -27.46 -20.64 -25.38
CA GLU A 82 -27.47 -20.65 -25.39
C GLU A 82 -27.34 -19.72 -26.58
N VAL A 83 -26.16 -19.15 -26.77
CA VAL A 83 -25.91 -18.14 -27.81
C VAL A 83 -25.09 -18.79 -28.93
N THR A 84 -25.63 -18.78 -30.16
CA THR A 84 -24.85 -19.18 -31.33
C THR A 84 -24.06 -17.97 -31.78
N GLY A 85 -22.74 -18.04 -31.67
CA GLY A 85 -21.93 -16.90 -32.01
C GLY A 85 -21.91 -16.62 -33.49
N ASN A 86 -21.78 -15.32 -33.82
N ASN A 86 -21.72 -15.34 -33.82
CA ASN A 86 -21.66 -14.91 -35.22
CA ASN A 86 -21.65 -14.92 -35.25
C ASN A 86 -20.29 -15.24 -35.82
C ASN A 86 -20.28 -15.22 -35.83
N GLY A 87 -19.27 -15.44 -34.99
CA GLY A 87 -17.92 -15.58 -35.49
C GLY A 87 -17.43 -14.34 -36.20
N GLY A 88 -17.84 -13.17 -35.71
CA GLY A 88 -17.45 -11.92 -36.31
C GLY A 88 -18.37 -10.80 -35.87
N PRO A 89 -18.17 -9.62 -36.41
CA PRO A 89 -18.93 -8.45 -35.98
C PRO A 89 -20.43 -8.63 -36.20
N LEU A 90 -21.21 -7.94 -35.36
CA LEU A 90 -22.65 -7.86 -35.57
C LEU A 90 -22.93 -7.12 -36.86
N ARG A 91 -23.90 -7.64 -37.62
CA ARG A 91 -24.23 -7.10 -38.96
C ARG A 91 -25.75 -7.05 -39.18
N SER A 92 -26.27 -5.91 -39.62
CA SER A 92 -27.67 -5.81 -40.03
C SER A 92 -27.73 -5.03 -41.32
N ALA A 93 -28.58 -5.48 -42.23
CA ALA A 93 -28.85 -4.75 -43.45
C ALA A 93 -29.96 -3.70 -43.30
N ALA A 94 -30.58 -3.61 -42.14
CA ALA A 94 -31.70 -2.70 -41.92
C ALA A 94 -31.28 -1.46 -41.16
N ALA A 95 -31.95 -0.35 -41.44
CA ALA A 95 -31.68 0.93 -40.78
C ALA A 95 -32.47 0.99 -39.47
N LEU A 96 -31.93 0.27 -38.50
CA LEU A 96 -32.65 0.10 -37.23
C LEU A 96 -32.44 1.20 -36.22
N GLU A 97 -33.40 1.29 -35.33
CA GLU A 97 -33.26 2.10 -34.13
C GLU A 97 -33.46 1.17 -32.95
N LEU A 98 -32.45 1.09 -32.09
CA LEU A 98 -32.46 0.20 -30.93
C LEU A 98 -32.59 1.01 -29.65
N PHE A 99 -33.58 0.65 -28.84
CA PHE A 99 -33.85 1.30 -27.57
C PHE A 99 -33.17 0.51 -26.46
N LEU A 100 -32.31 1.19 -25.69
CA LEU A 100 -31.47 0.51 -24.71
C LEU A 100 -31.77 0.93 -23.27
N GLY A 101 -32.96 1.47 -23.03
CA GLY A 101 -33.33 1.79 -21.66
C GLY A 101 -32.38 2.80 -21.07
N ASN A 102 -31.89 2.50 -19.88
CA ASN A 102 -30.83 3.27 -19.25
C ASN A 102 -29.63 2.39 -18.96
N ALA A 103 -29.38 1.40 -19.84
CA ALA A 103 -28.33 0.39 -19.63
C ALA A 103 -27.01 0.84 -20.23
N GLY A 104 -26.14 1.40 -19.39
CA GLY A 104 -24.81 1.76 -19.84
C GLY A 104 -24.03 0.60 -20.43
N THR A 105 -24.17 -0.59 -19.83
CA THR A 105 -23.46 -1.78 -20.30
C THR A 105 -24.03 -2.33 -21.60
N ALA A 106 -25.16 -1.80 -22.08
CA ALA A 106 -25.58 -2.02 -23.46
C ALA A 106 -25.16 -0.86 -24.36
N MET A 107 -25.49 0.36 -23.97
CA MET A 107 -25.24 1.50 -24.83
C MET A 107 -23.76 1.68 -25.15
N ARG A 108 -22.88 1.67 -24.14
CA ARG A 108 -21.46 1.92 -24.43
C ARG A 108 -20.85 0.76 -25.22
N PRO A 109 -20.98 -0.50 -24.80
CA PRO A 109 -20.37 -1.59 -25.58
C PRO A 109 -20.95 -1.73 -26.97
N LEU A 110 -22.27 -1.56 -27.13
CA LEU A 110 -22.86 -1.70 -28.45
C LEU A 110 -22.48 -0.54 -29.35
N ALA A 111 -22.33 0.67 -28.78
CA ALA A 111 -21.90 1.77 -29.61
C ALA A 111 -20.56 1.48 -30.25
N ALA A 112 -19.64 0.90 -29.48
CA ALA A 112 -18.35 0.53 -30.06
C ALA A 112 -18.48 -0.65 -31.03
N ALA A 113 -19.20 -1.70 -30.64
CA ALA A 113 -19.25 -2.91 -31.47
C ALA A 113 -19.86 -2.61 -32.83
N LEU A 114 -20.86 -1.74 -32.88
CA LEU A 114 -21.54 -1.45 -34.12
C LEU A 114 -20.76 -0.49 -35.01
N CYS A 115 -19.58 -0.06 -34.57
CA CYS A 115 -18.67 0.69 -35.42
C CYS A 115 -17.83 -0.21 -36.32
N LEU A 116 -17.88 -1.53 -36.11
CA LEU A 116 -17.21 -2.45 -37.01
C LEU A 116 -18.09 -2.70 -38.21
N GLY A 117 -17.53 -2.58 -39.40
CA GLY A 117 -18.25 -2.91 -40.61
C GLY A 117 -18.93 -1.70 -41.24
N SER A 118 -20.13 -1.92 -41.76
CA SER A 118 -20.85 -0.89 -42.51
C SER A 118 -22.35 -0.92 -42.22
N ASN A 119 -22.71 -1.06 -40.95
CA ASN A 119 -24.10 -0.95 -40.55
C ASN A 119 -24.54 0.51 -40.57
N ASP A 120 -25.83 0.72 -40.34
CA ASP A 120 -26.40 2.07 -40.19
C ASP A 120 -27.46 1.93 -39.11
N ILE A 121 -27.06 2.13 -37.86
CA ILE A 121 -27.91 1.81 -36.71
CA ILE A 121 -27.90 1.81 -36.71
C ILE A 121 -27.94 3.01 -35.77
N VAL A 122 -29.14 3.35 -35.29
CA VAL A 122 -29.31 4.39 -34.28
C VAL A 122 -29.50 3.73 -32.93
N LEU A 123 -28.73 4.18 -31.94
CA LEU A 123 -28.90 3.75 -30.54
C LEU A 123 -29.48 4.88 -29.72
N THR A 124 -30.53 4.57 -28.97
CA THR A 124 -31.15 5.54 -28.10
C THR A 124 -31.60 4.85 -26.81
N GLY A 125 -32.32 5.59 -25.98
CA GLY A 125 -32.78 5.06 -24.71
C GLY A 125 -33.74 6.02 -24.05
N GLU A 126 -33.93 5.80 -22.76
CA GLU A 126 -34.80 6.61 -21.93
C GLU A 126 -34.24 8.02 -21.83
N PRO A 127 -35.09 8.98 -21.48
CA PRO A 127 -34.61 10.38 -21.38
C PRO A 127 -33.31 10.52 -20.60
N ARG A 128 -33.16 9.82 -19.47
CA ARG A 128 -31.92 9.99 -18.70
C ARG A 128 -30.70 9.53 -19.49
N MET A 129 -30.85 8.48 -20.30
CA MET A 129 -29.70 8.00 -21.07
C MET A 129 -29.20 9.04 -22.06
N LYS A 130 -30.12 9.87 -22.57
CA LYS A 130 -29.72 10.96 -23.46
CA LYS A 130 -29.72 10.96 -23.46
C LYS A 130 -29.00 12.08 -22.70
N GLU A 131 -28.97 12.02 -21.37
CA GLU A 131 -28.27 12.94 -20.49
CA GLU A 131 -28.21 12.97 -20.58
C GLU A 131 -27.01 12.33 -19.89
N ARG A 132 -26.65 11.09 -20.28
CA ARG A 132 -25.46 10.42 -19.76
C ARG A 132 -24.35 10.44 -20.79
N PRO A 133 -23.14 10.81 -20.38
CA PRO A 133 -22.09 11.10 -21.35
C PRO A 133 -21.58 9.87 -22.11
N ILE A 134 -21.23 10.10 -23.37
CA ILE A 134 -20.60 9.08 -24.21
C ILE A 134 -19.53 9.66 -25.13
N GLY A 135 -19.28 10.97 -25.03
CA GLY A 135 -18.35 11.62 -25.96
C GLY A 135 -16.95 11.08 -25.91
N HIS A 136 -16.46 10.70 -24.73
CA HIS A 136 -15.08 10.19 -24.69
C HIS A 136 -14.95 8.93 -25.53
N LEU A 137 -16.01 8.10 -25.53
CA LEU A 137 -16.03 6.91 -26.36
C LEU A 137 -16.16 7.26 -27.83
N VAL A 138 -17.09 8.16 -28.16
CA VAL A 138 -17.26 8.59 -29.54
C VAL A 138 -15.94 9.14 -30.09
N ASP A 139 -15.24 9.95 -29.29
CA ASP A 139 -13.99 10.56 -29.75
C ASP A 139 -13.00 9.49 -30.14
N ALA A 140 -12.82 8.48 -29.26
CA ALA A 140 -11.86 7.43 -29.56
C ALA A 140 -12.26 6.60 -30.78
N LEU A 141 -13.55 6.26 -30.88
CA LEU A 141 -14.02 5.51 -32.04
C LEU A 141 -13.80 6.27 -33.34
N ARG A 142 -14.09 7.57 -33.35
CA ARG A 142 -13.86 8.39 -34.54
C ARG A 142 -12.37 8.47 -34.86
N GLN A 143 -11.52 8.58 -33.85
CA GLN A 143 -10.08 8.57 -34.11
C GLN A 143 -9.66 7.31 -34.83
N GLY A 144 -10.29 6.18 -34.53
CA GLY A 144 -9.99 4.93 -35.18
C GLY A 144 -10.70 4.72 -36.51
N GLY A 145 -11.46 5.71 -36.99
CA GLY A 145 -12.07 5.67 -38.30
C GLY A 145 -13.58 5.54 -38.34
N ALA A 146 -14.25 5.41 -37.20
CA ALA A 146 -15.70 5.22 -37.19
C ALA A 146 -16.44 6.48 -37.61
N GLN A 147 -17.54 6.28 -38.32
CA GLN A 147 -18.46 7.35 -38.69
C GLN A 147 -19.61 7.32 -37.68
N ILE A 148 -19.73 8.40 -36.91
CA ILE A 148 -20.72 8.53 -35.85
C ILE A 148 -21.34 9.90 -35.95
N ASP A 149 -22.66 9.96 -35.84
CA ASP A 149 -23.36 11.24 -35.69
C ASP A 149 -24.07 11.28 -34.36
N CYS A 150 -23.80 12.34 -33.60
CA CYS A 150 -24.52 12.62 -32.36
C CYS A 150 -25.73 13.44 -32.76
N LEU A 151 -26.89 12.79 -32.80
CA LEU A 151 -28.04 13.35 -33.50
C LEU A 151 -28.63 14.57 -32.80
N GLU A 152 -28.39 14.72 -31.50
CA GLU A 152 -28.93 15.84 -30.73
C GLU A 152 -27.87 16.76 -30.16
N GLN A 153 -26.83 16.20 -29.55
CA GLN A 153 -25.78 16.99 -28.93
CA GLN A 153 -25.75 17.01 -29.01
C GLN A 153 -24.52 16.13 -28.91
N GLU A 154 -23.37 16.74 -29.18
CA GLU A 154 -22.13 16.00 -29.02
C GLU A 154 -22.01 15.59 -27.55
N ASN A 155 -21.31 14.49 -27.36
CA ASN A 155 -21.09 13.93 -25.97
CA ASN A 155 -21.08 13.92 -26.00
C ASN A 155 -22.24 13.09 -25.36
N TYR A 156 -23.35 13.01 -26.11
CA TYR A 156 -24.51 12.28 -25.58
C TYR A 156 -25.19 11.46 -26.66
N PRO A 157 -25.86 10.37 -26.28
CA PRO A 157 -26.80 9.71 -27.20
C PRO A 157 -27.99 10.61 -27.46
N PRO A 158 -28.78 10.33 -28.50
CA PRO A 158 -28.70 9.18 -29.40
C PRO A 158 -27.59 9.30 -30.43
N LEU A 159 -27.11 8.15 -30.90
CA LEU A 159 -25.99 8.07 -31.82
C LEU A 159 -26.43 7.32 -33.07
N ARG A 160 -26.00 7.79 -34.25
CA ARG A 160 -26.12 7.03 -35.49
C ARG A 160 -24.74 6.50 -35.84
N LEU A 161 -24.64 5.17 -35.91
CA LEU A 161 -23.39 4.47 -36.16
C LEU A 161 -23.38 3.95 -37.59
N ARG A 162 -22.42 4.42 -38.38
CA ARG A 162 -22.30 3.97 -39.76
C ARG A 162 -21.02 3.19 -40.03
N GLY A 163 -20.30 2.75 -39.00
CA GLY A 163 -19.20 1.83 -39.18
C GLY A 163 -17.90 2.49 -39.57
N GLY A 164 -16.96 1.65 -39.99
CA GLY A 164 -15.67 2.11 -40.49
C GLY A 164 -14.52 2.09 -39.51
N PHE A 165 -14.73 1.61 -38.27
CA PHE A 165 -13.61 1.56 -37.33
C PHE A 165 -12.53 0.63 -37.86
N GLN A 166 -11.31 1.15 -37.93
CA GLN A 166 -10.16 0.41 -38.43
C GLN A 166 -9.21 -0.02 -37.34
N GLY A 167 -9.05 0.79 -36.30
CA GLY A 167 -8.01 0.62 -35.32
C GLY A 167 -7.06 1.80 -35.33
N GLY A 168 -5.80 1.52 -35.04
CA GLY A 168 -4.77 2.53 -35.04
C GLY A 168 -4.50 3.09 -33.65
N ASN A 169 -3.90 4.27 -33.63
CA ASN A 169 -3.56 4.95 -32.39
C ASN A 169 -4.75 5.81 -31.98
N VAL A 170 -5.31 5.50 -30.81
CA VAL A 170 -6.43 6.27 -30.29
C VAL A 170 -6.17 6.62 -28.84
N GLU A 171 -6.83 7.67 -28.43
CA GLU A 171 -6.78 8.14 -27.02
CA GLU A 171 -6.76 8.11 -27.02
C GLU A 171 -8.18 8.05 -26.43
N VAL A 172 -8.28 7.52 -25.21
CA VAL A 172 -9.56 7.55 -24.52
C VAL A 172 -9.37 8.17 -23.15
N ASP A 173 -10.26 9.11 -22.84
CA ASP A 173 -10.30 9.71 -21.51
C ASP A 173 -10.88 8.69 -20.54
N GLY A 174 -10.17 8.47 -19.43
CA GLY A 174 -10.59 7.55 -18.40
C GLY A 174 -11.26 8.19 -17.21
N SER A 175 -11.47 9.49 -17.24
CA SER A 175 -11.79 10.23 -16.04
C SER A 175 -13.27 10.26 -15.70
N VAL A 176 -14.16 9.86 -16.61
CA VAL A 176 -15.59 9.94 -16.40
C VAL A 176 -16.24 8.57 -16.29
N SER A 177 -15.91 7.65 -17.19
CA SER A 177 -16.44 6.30 -17.08
C SER A 177 -15.43 5.29 -17.60
N SER A 178 -15.27 4.19 -16.87
CA SER A 178 -14.49 3.06 -17.38
C SER A 178 -15.21 2.35 -18.52
N GLN A 179 -16.52 2.59 -18.67
CA GLN A 179 -17.27 1.86 -19.68
C GLN A 179 -16.82 2.23 -21.08
N PHE A 180 -16.25 3.41 -21.27
CA PHE A 180 -15.76 3.78 -22.58
C PHE A 180 -14.57 2.88 -22.97
N LEU A 181 -13.60 2.77 -22.07
CA LEU A 181 -12.47 1.87 -22.31
C LEU A 181 -12.93 0.42 -22.42
N THR A 182 -13.84 -0.02 -21.57
CA THR A 182 -14.36 -1.38 -21.70
C THR A 182 -14.92 -1.63 -23.10
N ALA A 183 -15.72 -0.69 -23.60
CA ALA A 183 -16.33 -0.84 -24.91
C ALA A 183 -15.28 -0.94 -26.01
N LEU A 184 -14.26 -0.06 -25.95
CA LEU A 184 -13.18 -0.11 -26.92
C LEU A 184 -12.42 -1.42 -26.85
N LEU A 185 -12.11 -1.87 -25.64
CA LEU A 185 -11.35 -3.11 -25.49
C LEU A 185 -12.08 -4.30 -26.10
N MET A 186 -13.39 -4.38 -25.90
CA MET A 186 -14.10 -5.55 -26.40
CA MET A 186 -14.12 -5.54 -26.39
C MET A 186 -14.23 -5.53 -27.91
N THR A 187 -14.29 -4.33 -28.52
CA THR A 187 -14.43 -4.25 -29.97
C THR A 187 -13.11 -4.35 -30.72
N ALA A 188 -12.03 -3.80 -30.16
CA ALA A 188 -10.78 -3.67 -30.91
C ALA A 188 -10.23 -4.98 -31.45
N PRO A 189 -10.33 -6.12 -30.78
CA PRO A 189 -9.71 -7.34 -31.33
C PRO A 189 -10.25 -7.73 -32.70
N LEU A 190 -11.48 -7.35 -33.02
CA LEU A 190 -12.08 -7.71 -34.30
C LEU A 190 -11.81 -6.68 -35.39
N ALA A 191 -11.14 -5.58 -35.08
CA ALA A 191 -10.89 -4.54 -36.06
C ALA A 191 -9.83 -4.97 -37.07
N PRO A 192 -9.82 -4.36 -38.26
CA PRO A 192 -8.87 -4.77 -39.30
C PRO A 192 -7.42 -4.44 -39.00
N GLN A 193 -7.16 -3.50 -38.09
CA GLN A 193 -5.80 -3.12 -37.72
C GLN A 193 -5.63 -3.22 -36.21
N ASP A 194 -4.37 -3.29 -35.77
CA ASP A 194 -4.07 -3.24 -34.34
C ASP A 194 -4.47 -1.88 -33.78
N THR A 195 -4.86 -1.87 -32.51
CA THR A 195 -5.23 -0.64 -31.82
C THR A 195 -4.33 -0.42 -30.62
N VAL A 196 -3.77 0.78 -30.53
CA VAL A 196 -3.04 1.22 -29.36
C VAL A 196 -3.87 2.29 -28.68
N ILE A 197 -4.32 2.00 -27.47
CA ILE A 197 -5.18 2.89 -26.71
C ILE A 197 -4.35 3.55 -25.62
N VAL A 198 -4.21 4.86 -25.70
CA VAL A 198 -3.55 5.65 -24.66
C VAL A 198 -4.63 6.26 -23.78
N ILE A 199 -4.47 6.11 -22.46
CA ILE A 199 -5.42 6.65 -21.49
C ILE A 199 -5.04 8.09 -21.18
N LYS A 200 -5.99 8.99 -21.39
CA LYS A 200 -5.86 10.38 -20.98
C LYS A 200 -6.40 10.51 -19.56
N GLY A 201 -5.53 10.96 -18.69
CA GLY A 201 -5.92 11.31 -17.35
C GLY A 201 -5.95 10.09 -16.46
N ASP A 202 -6.61 10.30 -15.35
CA ASP A 202 -6.82 9.21 -14.43
C ASP A 202 -7.87 8.28 -15.01
N LEU A 203 -7.80 7.03 -14.62
CA LEU A 203 -8.81 6.05 -14.97
C LEU A 203 -9.64 5.75 -13.74
N VAL A 204 -10.94 6.02 -13.81
CA VAL A 204 -11.86 5.67 -12.74
C VAL A 204 -12.35 4.24 -12.91
N SER A 205 -12.90 3.68 -11.83
CA SER A 205 -13.59 2.38 -11.88
C SER A 205 -12.71 1.29 -12.49
N LYS A 206 -11.43 1.31 -12.12
CA LYS A 206 -10.49 0.33 -12.69
C LYS A 206 -10.93 -1.11 -12.52
N PRO A 207 -11.53 -1.52 -11.40
CA PRO A 207 -11.92 -2.93 -11.29
C PRO A 207 -12.88 -3.39 -12.38
N TYR A 208 -13.64 -2.48 -13.00
CA TYR A 208 -14.51 -2.89 -14.10
C TYR A 208 -13.71 -3.16 -15.37
N ILE A 209 -12.56 -2.48 -15.53
CA ILE A 209 -11.64 -2.86 -16.60
C ILE A 209 -11.11 -4.27 -16.35
N ASP A 210 -10.82 -4.61 -15.10
CA ASP A 210 -10.39 -5.97 -14.79
C ASP A 210 -11.48 -6.99 -15.15
N ILE A 211 -12.74 -6.69 -14.86
CA ILE A 211 -13.81 -7.60 -15.30
C ILE A 211 -13.73 -7.81 -16.80
N THR A 212 -13.64 -6.70 -17.55
CA THR A 212 -13.60 -6.80 -19.00
C THR A 212 -12.45 -7.68 -19.48
N LEU A 213 -11.25 -7.46 -18.93
CA LEU A 213 -10.09 -8.24 -19.36
C LEU A 213 -10.24 -9.72 -19.01
N HIS A 214 -10.79 -10.03 -17.83
CA HIS A 214 -11.05 -11.44 -17.49
C HIS A 214 -12.02 -12.08 -18.47
N LEU A 215 -13.11 -11.37 -18.79
CA LEU A 215 -14.11 -11.92 -19.70
C LEU A 215 -13.51 -12.12 -21.10
N MET A 216 -12.75 -11.15 -21.58
CA MET A 216 -12.13 -11.30 -22.89
C MET A 216 -11.20 -12.49 -22.91
N LYS A 217 -10.44 -12.70 -21.83
CA LYS A 217 -9.54 -13.85 -21.78
C LYS A 217 -10.31 -15.16 -21.78
N THR A 218 -11.43 -15.21 -21.05
CA THR A 218 -12.28 -16.40 -21.09
C THR A 218 -12.71 -16.72 -22.52
N PHE A 219 -12.98 -15.68 -23.31
CA PHE A 219 -13.38 -15.83 -24.71
C PHE A 219 -12.19 -15.80 -25.68
N GLY A 220 -10.98 -16.08 -25.17
CA GLY A 220 -9.85 -16.39 -26.02
C GLY A 220 -9.02 -15.22 -26.51
N VAL A 221 -9.17 -14.04 -25.91
CA VAL A 221 -8.45 -12.85 -26.39
C VAL A 221 -7.72 -12.20 -25.23
N GLU A 222 -6.43 -11.92 -25.43
CA GLU A 222 -5.63 -11.18 -24.46
C GLU A 222 -5.18 -9.87 -25.05
N VAL A 223 -4.86 -8.93 -24.17
CA VAL A 223 -4.34 -7.63 -24.56
C VAL A 223 -3.16 -7.31 -23.64
N ASP A 224 -2.37 -6.31 -24.05
CA ASP A 224 -1.24 -5.87 -23.24
C ASP A 224 -1.70 -4.65 -22.46
N ASN A 225 -1.94 -4.83 -21.16
CA ASN A 225 -2.31 -3.74 -20.27
C ASN A 225 -1.04 -3.19 -19.61
N GLN A 226 -0.61 -2.01 -20.03
CA GLN A 226 0.63 -1.39 -19.55
C GLN A 226 0.21 -0.39 -18.48
N SER A 227 0.10 -0.92 -17.25
CA SER A 227 -0.12 -0.14 -16.04
C SER A 227 -1.39 0.70 -16.10
N TYR A 228 -2.40 0.23 -16.84
CA TYR A 228 -3.68 0.94 -17.00
C TYR A 228 -3.51 2.29 -17.68
N GLN A 229 -2.36 2.52 -18.31
CA GLN A 229 -2.10 3.77 -19.00
C GLN A 229 -2.01 3.61 -20.50
N ARG A 230 -1.72 2.41 -20.98
CA ARG A 230 -1.66 2.17 -22.42
C ARG A 230 -2.05 0.72 -22.65
N PHE A 231 -2.89 0.46 -23.65
CA PHE A 231 -3.35 -0.90 -23.95
C PHE A 231 -3.03 -1.20 -25.40
N VAL A 232 -2.36 -2.32 -25.66
CA VAL A 232 -2.07 -2.76 -27.01
C VAL A 232 -2.98 -3.95 -27.32
N VAL A 233 -3.77 -3.82 -28.38
CA VAL A 233 -4.71 -4.83 -28.82
C VAL A 233 -4.36 -5.21 -30.25
N ARG A 234 -4.20 -6.49 -30.51
CA ARG A 234 -4.00 -6.93 -31.88
C ARG A 234 -5.34 -7.10 -32.58
N GLY A 235 -5.41 -6.61 -33.81
CA GLY A 235 -6.59 -6.77 -34.63
C GLY A 235 -6.63 -8.11 -35.32
N LYS A 236 -7.68 -8.30 -36.14
CA LYS A 236 -7.84 -9.49 -36.96
C LYS A 236 -8.04 -10.75 -36.13
N GLN A 237 -8.56 -10.58 -34.94
CA GLN A 237 -8.81 -11.76 -34.10
C GLN A 237 -10.29 -12.15 -34.10
N GLN A 238 -10.57 -13.32 -33.56
CA GLN A 238 -11.98 -13.75 -33.37
CA GLN A 238 -11.99 -13.73 -33.36
C GLN A 238 -12.09 -14.33 -31.93
N TYR A 239 -13.14 -13.87 -31.27
CA TYR A 239 -13.45 -14.51 -29.98
C TYR A 239 -13.78 -15.98 -30.17
N GLN A 240 -13.43 -16.77 -29.17
CA GLN A 240 -13.73 -18.22 -29.20
CA GLN A 240 -13.73 -18.22 -29.20
C GLN A 240 -14.61 -18.62 -28.00
N SER A 241 -15.72 -19.25 -28.32
CA SER A 241 -16.63 -19.68 -27.24
C SER A 241 -15.89 -20.56 -26.25
N PRO A 242 -16.05 -20.34 -24.93
CA PRO A 242 -15.53 -21.28 -23.95
C PRO A 242 -16.41 -22.50 -23.76
N GLY A 243 -17.52 -22.59 -24.47
CA GLY A 243 -18.51 -23.62 -24.19
C GLY A 243 -19.44 -23.13 -23.07
N ASP A 244 -19.34 -23.77 -21.94
CA ASP A 244 -20.07 -23.31 -20.76
C ASP A 244 -19.36 -22.12 -20.13
N TYR A 245 -20.15 -21.17 -19.66
CA TYR A 245 -19.63 -20.06 -18.87
C TYR A 245 -20.61 -19.79 -17.73
N LEU A 246 -20.11 -19.77 -16.50
CA LEU A 246 -20.90 -19.52 -15.32
C LEU A 246 -20.80 -18.04 -14.96
N VAL A 247 -21.94 -17.36 -15.02
CA VAL A 247 -22.03 -15.95 -14.60
C VAL A 247 -22.04 -15.90 -13.07
N GLU A 248 -21.09 -15.17 -12.49
CA GLU A 248 -21.05 -14.98 -11.04
C GLU A 248 -22.34 -14.33 -10.54
N GLY A 249 -22.68 -14.61 -9.28
CA GLY A 249 -23.68 -13.80 -8.60
C GLY A 249 -23.25 -12.35 -8.54
N ASP A 250 -24.23 -11.46 -8.40
CA ASP A 250 -23.98 -10.03 -8.49
C ASP A 250 -23.45 -9.49 -7.15
N ALA A 251 -22.18 -9.06 -7.13
CA ALA A 251 -21.57 -8.57 -5.91
C ALA A 251 -22.12 -7.21 -5.48
N SER A 252 -22.65 -6.44 -6.44
CA SER A 252 -23.27 -5.17 -6.07
C SER A 252 -24.61 -5.42 -5.39
N SER A 253 -25.41 -6.33 -5.94
CA SER A 253 -26.65 -6.74 -5.28
C SER A 253 -26.36 -7.36 -3.93
N ALA A 254 -25.24 -8.07 -3.80
CA ALA A 254 -24.88 -8.65 -2.52
C ALA A 254 -24.67 -7.61 -1.44
N SER A 255 -24.22 -6.40 -1.83
CA SER A 255 -23.86 -5.40 -0.83
C SER A 255 -25.01 -5.10 0.13
N TYR A 256 -26.26 -5.11 -0.37
CA TYR A 256 -27.40 -4.75 0.47
C TYR A 256 -27.60 -5.78 1.58
N PHE A 257 -27.45 -7.05 1.25
CA PHE A 257 -27.67 -8.11 2.23
C PHE A 257 -26.52 -8.22 3.21
N LEU A 258 -25.28 -8.07 2.71
CA LEU A 258 -24.14 -8.03 3.63
C LEU A 258 -24.23 -6.85 4.60
N ALA A 259 -24.60 -5.67 4.09
CA ALA A 259 -24.79 -4.52 4.96
C ALA A 259 -25.93 -4.77 5.95
N ALA A 260 -27.03 -5.39 5.50
CA ALA A 260 -28.12 -5.67 6.43
C ALA A 260 -27.63 -6.54 7.58
N GLY A 261 -26.78 -7.54 7.28
CA GLY A 261 -26.22 -8.34 8.35
C GLY A 261 -25.31 -7.53 9.26
N ALA A 262 -24.50 -6.64 8.68
CA ALA A 262 -23.63 -5.77 9.47
C ALA A 262 -24.44 -4.92 10.44
N ILE A 263 -25.61 -4.47 10.02
CA ILE A 263 -26.43 -3.53 10.79
C ILE A 263 -27.31 -4.24 11.80
N LYS A 264 -27.99 -5.32 11.37
CA LYS A 264 -29.10 -5.88 12.14
C LYS A 264 -29.06 -7.39 12.23
N GLY A 265 -27.93 -8.00 11.91
CA GLY A 265 -27.76 -9.42 12.14
C GLY A 265 -27.43 -9.73 13.59
N GLY A 266 -27.27 -11.01 13.89
CA GLY A 266 -27.37 -12.10 12.92
C GLY A 266 -26.19 -12.23 11.98
N THR A 267 -26.18 -13.32 11.22
CA THR A 267 -25.24 -13.56 10.14
C THR A 267 -26.01 -13.68 8.84
N VAL A 268 -25.61 -12.88 7.84
CA VAL A 268 -26.17 -12.97 6.49
C VAL A 268 -25.06 -13.46 5.57
N LYS A 269 -25.32 -14.57 4.89
CA LYS A 269 -24.42 -15.15 3.91
C LYS A 269 -24.99 -14.96 2.52
N VAL A 270 -24.15 -14.59 1.57
CA VAL A 270 -24.51 -14.56 0.15
C VAL A 270 -23.69 -15.62 -0.57
N THR A 271 -24.33 -16.30 -1.52
CA THR A 271 -23.67 -17.32 -2.31
C THR A 271 -23.66 -16.93 -3.79
N GLY A 272 -22.68 -17.48 -4.51
CA GLY A 272 -22.47 -17.16 -5.91
C GLY A 272 -21.28 -16.25 -6.17
N ILE A 273 -20.68 -15.71 -5.11
CA ILE A 273 -19.45 -14.95 -5.17
C ILE A 273 -18.59 -15.40 -4.00
N GLY A 274 -17.30 -15.12 -4.10
CA GLY A 274 -16.38 -15.48 -3.05
C GLY A 274 -15.05 -14.81 -3.23
N ARG A 275 -14.04 -15.35 -2.56
CA ARG A 275 -12.76 -14.64 -2.46
C ARG A 275 -12.07 -14.48 -3.83
N ASN A 276 -12.36 -15.36 -4.79
CA ASN A 276 -11.72 -15.32 -6.11
C ASN A 276 -12.58 -14.72 -7.20
N SER A 277 -13.66 -14.05 -6.86
CA SER A 277 -14.52 -13.50 -7.90
CA SER A 277 -14.55 -13.45 -7.85
C SER A 277 -13.83 -12.35 -8.64
N VAL A 278 -14.22 -12.18 -9.90
CA VAL A 278 -13.63 -11.13 -10.74
C VAL A 278 -14.26 -9.77 -10.50
N GLN A 279 -15.40 -9.69 -9.84
CA GLN A 279 -16.07 -8.42 -9.60
C GLN A 279 -15.39 -7.64 -8.48
N GLY A 280 -15.12 -6.36 -8.72
CA GLY A 280 -14.50 -5.53 -7.70
C GLY A 280 -15.35 -5.29 -6.48
N ASP A 281 -16.68 -5.41 -6.61
CA ASP A 281 -17.54 -5.09 -5.47
C ASP A 281 -17.46 -6.11 -4.34
N ILE A 282 -16.76 -7.24 -4.51
CA ILE A 282 -16.49 -8.06 -3.33
C ILE A 282 -15.69 -7.28 -2.29
N ARG A 283 -14.94 -6.25 -2.71
CA ARG A 283 -14.15 -5.47 -1.77
C ARG A 283 -15.03 -4.61 -0.87
N PHE A 284 -16.31 -4.49 -1.19
CA PHE A 284 -17.25 -3.84 -0.27
C PHE A 284 -17.23 -4.50 1.10
N ALA A 285 -17.06 -5.83 1.14
CA ALA A 285 -17.08 -6.50 2.44
C ALA A 285 -15.95 -6.00 3.34
N ASP A 286 -14.82 -5.60 2.75
CA ASP A 286 -13.72 -5.09 3.56
C ASP A 286 -14.14 -3.83 4.29
N VAL A 287 -15.00 -3.01 3.68
CA VAL A 287 -15.46 -1.78 4.31
C VAL A 287 -16.30 -2.12 5.53
N LEU A 288 -17.21 -3.11 5.40
CA LEU A 288 -18.01 -3.49 6.55
C LEU A 288 -17.12 -3.97 7.67
N GLU A 289 -16.05 -4.69 7.33
CA GLU A 289 -15.11 -5.16 8.35
C GLU A 289 -14.42 -3.98 9.03
N LYS A 290 -14.03 -2.98 8.25
CA LYS A 290 -13.41 -1.78 8.81
C LYS A 290 -14.37 -1.06 9.74
N MET A 291 -15.67 -1.11 9.45
CA MET A 291 -16.67 -0.44 10.28
C MET A 291 -16.94 -1.18 11.57
N GLY A 292 -16.56 -2.45 11.66
CA GLY A 292 -16.70 -3.20 12.90
C GLY A 292 -17.49 -4.49 12.77
N ALA A 293 -18.06 -4.80 11.61
CA ALA A 293 -18.71 -6.09 11.42
C ALA A 293 -17.66 -7.16 11.21
N THR A 294 -18.07 -8.42 11.36
CA THR A 294 -17.20 -9.58 11.13
CA THR A 294 -17.18 -9.55 11.10
C THR A 294 -17.55 -10.21 9.79
N VAL A 295 -16.55 -10.48 8.98
CA VAL A 295 -16.75 -10.99 7.64
C VAL A 295 -16.00 -12.31 7.52
N THR A 296 -16.68 -13.31 6.97
CA THR A 296 -16.06 -14.59 6.69
CA THR A 296 -16.11 -14.62 6.69
C THR A 296 -16.16 -14.86 5.19
N TRP A 297 -15.11 -15.47 4.66
CA TRP A 297 -14.97 -15.70 3.22
C TRP A 297 -14.93 -17.19 2.91
N GLY A 298 -15.50 -17.52 1.76
CA GLY A 298 -15.37 -18.84 1.17
C GLY A 298 -15.09 -18.72 -0.31
N ASP A 299 -14.91 -19.88 -0.94
CA ASP A 299 -14.76 -19.86 -2.39
C ASP A 299 -16.05 -19.45 -3.08
N ASP A 300 -17.20 -19.72 -2.47
CA ASP A 300 -18.48 -19.40 -3.08
C ASP A 300 -19.45 -18.78 -2.08
N PHE A 301 -18.96 -18.14 -1.03
CA PHE A 301 -19.81 -17.30 -0.22
C PHE A 301 -19.00 -16.17 0.38
N ILE A 302 -19.73 -15.14 0.80
CA ILE A 302 -19.25 -14.12 1.72
C ILE A 302 -20.33 -13.97 2.78
N ALA A 303 -19.93 -13.89 4.04
CA ALA A 303 -20.91 -13.74 5.11
C ALA A 303 -20.49 -12.59 6.02
N CYS A 304 -21.50 -11.92 6.58
CA CYS A 304 -21.29 -10.77 7.45
C CYS A 304 -22.16 -10.91 8.69
N THR A 305 -21.54 -10.73 9.85
CA THR A 305 -22.17 -10.79 11.16
C THR A 305 -22.06 -9.43 11.82
N HIS A 306 -23.16 -9.00 12.44
CA HIS A 306 -23.21 -7.70 13.09
C HIS A 306 -22.16 -7.55 14.18
N GLY A 307 -21.54 -6.36 14.21
CA GLY A 307 -20.81 -5.86 15.36
C GLY A 307 -21.05 -4.36 15.45
N GLU A 308 -20.58 -3.77 16.54
CA GLU A 308 -20.77 -2.33 16.72
C GLU A 308 -20.10 -1.58 15.57
N LEU A 309 -20.85 -0.67 14.94
CA LEU A 309 -20.41 -0.01 13.72
C LEU A 309 -19.87 1.40 13.98
N LYS A 310 -18.74 1.70 13.36
CA LYS A 310 -18.10 3.01 13.44
C LYS A 310 -17.84 3.53 12.03
N ALA A 311 -17.90 4.84 11.89
CA ALA A 311 -17.80 5.47 10.59
C ALA A 311 -16.43 5.29 9.99
N VAL A 312 -16.37 5.39 8.67
CA VAL A 312 -15.12 5.34 7.91
C VAL A 312 -14.98 6.59 7.06
N ASP A 313 -13.74 6.84 6.65
CA ASP A 313 -13.38 7.92 5.73
C ASP A 313 -12.50 7.27 4.68
N MET A 314 -13.05 7.08 3.48
CA MET A 314 -12.38 6.26 2.48
C MET A 314 -12.59 6.79 1.07
N ASP A 315 -11.57 6.59 0.25
CA ASP A 315 -11.69 6.70 -1.20
C ASP A 315 -12.47 5.50 -1.74
N MET A 316 -13.60 5.76 -2.41
CA MET A 316 -14.48 4.70 -2.87
CA MET A 316 -14.49 4.70 -2.87
C MET A 316 -14.46 4.52 -4.38
N ASN A 317 -13.44 5.07 -5.06
CA ASN A 317 -13.41 4.98 -6.52
C ASN A 317 -13.39 3.55 -7.03
N HIS A 318 -12.90 2.61 -6.22
CA HIS A 318 -12.81 1.21 -6.61
C HIS A 318 -14.13 0.45 -6.49
N ILE A 319 -15.13 1.02 -5.82
CA ILE A 319 -16.44 0.39 -5.60
C ILE A 319 -17.54 1.46 -5.69
N PRO A 320 -17.65 2.19 -6.78
CA PRO A 320 -18.61 3.31 -6.81
C PRO A 320 -20.07 2.92 -6.59
N ASP A 321 -20.49 1.73 -7.02
CA ASP A 321 -21.89 1.33 -6.84
C ASP A 321 -22.15 0.83 -5.42
N ALA A 322 -21.35 -0.14 -4.96
CA ALA A 322 -21.50 -0.62 -3.59
C ALA A 322 -21.25 0.47 -2.56
N ALA A 323 -20.49 1.50 -2.91
CA ALA A 323 -20.28 2.61 -1.99
C ALA A 323 -21.59 3.28 -1.59
N MET A 324 -22.57 3.32 -2.49
CA MET A 324 -23.87 3.90 -2.12
C MET A 324 -24.46 3.20 -0.92
N THR A 325 -24.24 1.88 -0.81
CA THR A 325 -24.74 1.12 0.33
C THR A 325 -24.09 1.59 1.62
N ILE A 326 -22.81 1.97 1.57
CA ILE A 326 -22.17 2.52 2.76
C ILE A 326 -22.82 3.84 3.16
N ALA A 327 -23.29 4.63 2.18
CA ALA A 327 -23.91 5.91 2.51
C ALA A 327 -25.13 5.73 3.39
N THR A 328 -25.95 4.69 3.16
CA THR A 328 -27.07 4.50 4.08
C THR A 328 -26.67 3.67 5.29
N ALA A 329 -25.69 2.77 5.15
CA ALA A 329 -25.25 2.04 6.32
C ALA A 329 -24.65 2.98 7.35
N ALA A 330 -24.11 4.12 6.89
CA ALA A 330 -23.54 5.14 7.75
C ALA A 330 -24.54 5.67 8.76
N LEU A 331 -25.84 5.59 8.45
CA LEU A 331 -26.85 6.04 9.39
C LEU A 331 -26.79 5.26 10.70
N PHE A 332 -26.21 4.06 10.67
CA PHE A 332 -26.16 3.18 11.82
C PHE A 332 -24.79 3.13 12.48
N ALA A 333 -23.86 3.96 12.04
CA ALA A 333 -22.50 3.96 12.55
C ALA A 333 -22.28 5.17 13.44
N GLN A 334 -21.36 5.02 14.39
CA GLN A 334 -20.94 6.14 15.23
C GLN A 334 -19.94 7.00 14.48
N GLY A 335 -20.22 8.30 14.40
CA GLY A 335 -19.32 9.23 13.76
C GLY A 335 -19.80 9.61 12.37
N THR A 336 -18.99 10.45 11.74
CA THR A 336 -19.26 10.97 10.41
C THR A 336 -18.54 10.11 9.39
N THR A 337 -19.27 9.62 8.40
CA THR A 337 -18.71 8.86 7.30
C THR A 337 -18.42 9.77 6.12
N THR A 338 -17.24 9.64 5.53
CA THR A 338 -16.89 10.39 4.34
C THR A 338 -16.51 9.41 3.23
N LEU A 339 -17.15 9.56 2.08
CA LEU A 339 -16.90 8.75 0.90
C LEU A 339 -16.34 9.68 -0.18
N ARG A 340 -15.11 9.41 -0.61
CA ARG A 340 -14.37 10.32 -1.49
C ARG A 340 -14.16 9.72 -2.88
N ASN A 341 -13.90 10.61 -3.84
CA ASN A 341 -13.46 10.24 -5.18
C ASN A 341 -14.55 9.47 -5.93
N ILE A 342 -15.77 10.04 -5.87
CA ILE A 342 -16.99 9.47 -6.46
C ILE A 342 -17.69 10.49 -7.35
N TYR A 343 -16.93 11.32 -8.04
CA TYR A 343 -17.52 12.31 -8.93
C TYR A 343 -18.54 11.72 -9.89
N ASN A 344 -18.21 10.55 -10.51
CA ASN A 344 -19.11 10.05 -11.56
C ASN A 344 -20.45 9.52 -11.02
N TRP A 345 -20.69 9.54 -9.71
CA TRP A 345 -22.05 9.41 -9.22
C TRP A 345 -22.96 10.41 -9.93
N ARG A 346 -22.44 11.57 -10.32
CA ARG A 346 -23.28 12.61 -10.89
C ARG A 346 -23.81 12.26 -12.29
N VAL A 347 -23.18 11.31 -12.99
CA VAL A 347 -23.50 11.08 -14.40
C VAL A 347 -24.10 9.70 -14.63
N LYS A 348 -24.62 9.12 -13.56
CA LYS A 348 -25.16 7.72 -13.63
C LYS A 348 -26.69 7.72 -13.73
N GLU A 349 -27.32 6.68 -13.18
CA GLU A 349 -28.77 6.54 -13.34
C GLU A 349 -29.52 7.80 -12.96
N THR A 350 -29.05 8.49 -11.91
CA THR A 350 -29.41 9.88 -11.62
C THR A 350 -28.11 10.56 -11.17
N ASP A 351 -28.18 11.86 -10.84
CA ASP A 351 -27.06 12.48 -10.12
C ASP A 351 -27.13 11.93 -8.70
N ARG A 352 -26.32 10.91 -8.42
CA ARG A 352 -26.45 10.20 -7.16
C ARG A 352 -25.89 10.98 -5.97
N LEU A 353 -24.97 11.93 -6.19
CA LEU A 353 -24.56 12.77 -5.08
C LEU A 353 -25.70 13.67 -4.63
N PHE A 354 -26.39 14.30 -5.58
CA PHE A 354 -27.53 15.12 -5.22
C PHE A 354 -28.64 14.29 -4.60
N ALA A 355 -28.93 13.14 -5.21
CA ALA A 355 -30.05 12.33 -4.76
C ALA A 355 -29.79 11.73 -3.39
N MET A 356 -28.60 11.16 -3.19
CA MET A 356 -28.29 10.56 -1.90
CA MET A 356 -28.30 10.56 -1.90
C MET A 356 -28.32 11.62 -0.80
N ALA A 357 -27.74 12.81 -1.06
CA ALA A 357 -27.76 13.83 -0.03
C ALA A 357 -29.18 14.25 0.29
N THR A 358 -30.01 14.44 -0.74
CA THR A 358 -31.36 14.95 -0.53
C THR A 358 -32.18 13.96 0.28
N GLU A 359 -32.10 12.67 -0.07
CA GLU A 359 -32.93 11.70 0.63
C GLU A 359 -32.38 11.36 2.03
N LEU A 360 -31.05 11.34 2.20
CA LEU A 360 -30.51 11.12 3.55
C LEU A 360 -30.97 12.21 4.50
N ARG A 361 -31.04 13.46 4.03
CA ARG A 361 -31.48 14.51 4.94
C ARG A 361 -32.92 14.29 5.42
N LYS A 362 -33.77 13.66 4.62
CA LYS A 362 -35.18 13.44 5.02
C LYS A 362 -35.28 12.48 6.20
N VAL A 363 -34.31 11.56 6.33
CA VAL A 363 -34.34 10.66 7.48
C VAL A 363 -33.57 11.24 8.66
N GLY A 364 -33.05 12.47 8.54
CA GLY A 364 -32.48 13.20 9.66
C GLY A 364 -30.99 13.41 9.59
N ALA A 365 -30.30 12.83 8.62
CA ALA A 365 -28.85 13.00 8.53
C ALA A 365 -28.49 14.42 8.14
N GLU A 366 -27.34 14.86 8.65
CA GLU A 366 -26.68 16.05 8.16
C GLU A 366 -25.70 15.61 7.08
N VAL A 367 -25.78 16.23 5.92
CA VAL A 367 -25.02 15.81 4.76
C VAL A 367 -24.32 17.00 4.14
N GLU A 368 -23.02 16.86 3.94
CA GLU A 368 -22.25 17.76 3.10
C GLU A 368 -22.08 17.08 1.75
N GLU A 369 -22.68 17.68 0.73
CA GLU A 369 -22.58 17.18 -0.64
C GLU A 369 -21.42 17.89 -1.31
N GLY A 370 -20.28 17.23 -1.39
CA GLY A 370 -19.15 17.78 -2.10
C GLY A 370 -19.28 17.57 -3.60
N GLU A 371 -18.36 18.19 -4.35
CA GLU A 371 -18.38 18.01 -5.79
C GLU A 371 -18.17 16.55 -6.14
N ASP A 372 -17.27 15.87 -5.40
CA ASP A 372 -16.89 14.48 -5.69
C ASP A 372 -16.79 13.64 -4.42
N TYR A 373 -17.48 14.05 -3.36
CA TYR A 373 -17.48 13.31 -2.11
C TYR A 373 -18.79 13.60 -1.38
N ILE A 374 -19.10 12.76 -0.41
CA ILE A 374 -20.26 12.97 0.46
C ILE A 374 -19.85 12.71 1.90
N ARG A 375 -20.29 13.56 2.82
CA ARG A 375 -20.00 13.43 4.24
CA ARG A 375 -20.01 13.42 4.25
C ARG A 375 -21.33 13.36 4.99
N ILE A 376 -21.50 12.31 5.79
CA ILE A 376 -22.78 11.94 6.37
C ILE A 376 -22.62 11.85 7.89
N THR A 377 -23.38 12.68 8.58
CA THR A 377 -23.40 12.69 10.05
C THR A 377 -24.78 12.21 10.44
N PRO A 378 -24.90 11.02 11.07
CA PRO A 378 -26.21 10.47 11.39
C PRO A 378 -26.95 11.25 12.50
N PRO A 379 -28.29 11.23 12.52
CA PRO A 379 -29.00 11.85 13.62
C PRO A 379 -29.01 10.86 14.78
N ALA A 380 -29.39 11.36 15.96
CA ALA A 380 -29.51 10.47 17.14
C ALA A 380 -30.64 9.46 16.90
N LYS A 381 -31.70 9.93 16.25
CA LYS A 381 -32.81 9.04 15.93
C LYS A 381 -33.24 9.27 14.49
N LEU A 382 -33.52 8.19 13.78
CA LEU A 382 -33.97 8.33 12.41
C LEU A 382 -35.41 8.82 12.35
N LYS A 383 -35.73 9.48 11.23
CA LYS A 383 -37.06 10.04 10.98
C LYS A 383 -37.74 9.27 9.86
N TYR A 384 -39.06 9.17 9.94
CA TYR A 384 -39.83 8.56 8.88
C TYR A 384 -39.87 9.45 7.65
N ALA A 385 -39.63 8.85 6.48
CA ALA A 385 -39.67 9.59 5.24
C ALA A 385 -40.20 8.73 4.11
N GLU A 386 -40.81 9.38 3.13
CA GLU A 386 -41.01 8.82 1.81
C GLU A 386 -39.77 9.16 0.97
N ILE A 387 -39.13 8.14 0.44
CA ILE A 387 -37.86 8.29 -0.25
C ILE A 387 -38.11 8.31 -1.75
N GLY A 388 -37.76 9.41 -2.40
CA GLY A 388 -37.75 9.42 -3.85
C GLY A 388 -36.59 8.61 -4.38
N THR A 389 -36.82 7.90 -5.48
CA THR A 389 -35.82 6.97 -6.00
C THR A 389 -35.26 7.33 -7.36
N TYR A 390 -35.74 8.40 -8.01
CA TYR A 390 -35.03 9.00 -9.15
C TYR A 390 -34.85 8.01 -10.31
N ASN A 391 -35.78 7.06 -10.46
CA ASN A 391 -35.63 6.02 -11.47
CA ASN A 391 -35.67 5.95 -11.40
C ASN A 391 -34.30 5.28 -11.34
N ASP A 392 -33.82 5.10 -10.10
CA ASP A 392 -32.51 4.52 -9.83
C ASP A 392 -32.66 3.36 -8.85
N HIS A 393 -32.61 2.15 -9.40
CA HIS A 393 -32.62 0.93 -8.60
C HIS A 393 -31.85 1.03 -7.28
N ARG A 394 -30.66 1.63 -7.29
CA ARG A 394 -29.81 1.62 -6.07
C ARG A 394 -30.33 2.59 -5.02
N MET A 395 -31.02 3.65 -5.42
CA MET A 395 -31.65 4.47 -4.39
C MET A 395 -32.66 3.66 -3.61
N ALA A 396 -33.48 2.88 -4.30
CA ALA A 396 -34.47 2.04 -3.62
C ALA A 396 -33.79 1.03 -2.71
N MET A 397 -32.76 0.33 -3.23
CA MET A 397 -32.16 -0.73 -2.43
C MET A 397 -31.34 -0.16 -1.27
N CYS A 398 -30.63 0.94 -1.48
CA CYS A 398 -29.89 1.54 -0.37
C CYS A 398 -30.82 2.01 0.73
N PHE A 399 -31.92 2.66 0.38
CA PHE A 399 -32.79 3.20 1.42
C PHE A 399 -33.64 2.13 2.09
N SER A 400 -33.73 0.94 1.52
CA SER A 400 -34.40 -0.14 2.24
C SER A 400 -33.77 -0.37 3.61
N LEU A 401 -32.47 -0.06 3.77
CA LEU A 401 -31.79 -0.33 5.03
C LEU A 401 -32.26 0.56 6.18
N VAL A 402 -32.97 1.65 5.89
CA VAL A 402 -33.50 2.50 6.96
C VAL A 402 -34.43 1.72 7.88
N ALA A 403 -35.13 0.72 7.34
CA ALA A 403 -36.07 -0.06 8.15
C ALA A 403 -35.37 -1.02 9.11
N LEU A 404 -34.05 -1.08 9.12
CA LEU A 404 -33.30 -1.87 10.11
C LEU A 404 -33.08 -1.06 11.37
N SER A 405 -34.17 -0.49 11.84
CA SER A 405 -34.16 0.51 12.91
C SER A 405 -35.54 0.45 13.55
N ASP A 406 -35.84 1.43 14.39
CA ASP A 406 -37.16 1.53 14.97
C ASP A 406 -38.15 2.29 14.10
N THR A 407 -37.74 2.68 12.90
CA THR A 407 -38.50 3.55 12.04
C THR A 407 -38.79 2.85 10.71
N PRO A 408 -40.04 2.84 10.24
CA PRO A 408 -40.30 2.35 8.88
C PRO A 408 -39.72 3.31 7.85
N VAL A 409 -39.68 2.84 6.60
CA VAL A 409 -39.31 3.72 5.48
C VAL A 409 -40.26 3.40 4.34
N THR A 410 -40.66 4.43 3.60
CA THR A 410 -41.50 4.24 2.44
C THR A 410 -40.69 4.54 1.19
N ILE A 411 -40.58 3.55 0.30
CA ILE A 411 -39.80 3.66 -0.92
C ILE A 411 -40.77 3.96 -2.05
N LEU A 412 -40.58 5.10 -2.71
CA LEU A 412 -41.40 5.43 -3.86
C LEU A 412 -40.87 4.71 -5.10
N ASP A 413 -41.80 4.35 -5.98
CA ASP A 413 -41.48 3.65 -7.22
C ASP A 413 -40.56 2.44 -6.97
N PRO A 414 -40.95 1.52 -6.10
CA PRO A 414 -40.07 0.40 -5.75
C PRO A 414 -39.71 -0.52 -6.92
N LYS A 415 -40.54 -0.56 -7.97
CA LYS A 415 -40.23 -1.41 -9.11
C LYS A 415 -39.00 -0.95 -9.89
N CYS A 416 -38.44 0.23 -9.59
CA CYS A 416 -37.21 0.63 -10.26
C CYS A 416 -36.06 -0.34 -9.94
N THR A 417 -36.20 -1.16 -8.87
CA THR A 417 -35.13 -2.11 -8.60
C THR A 417 -34.91 -3.07 -9.76
N ALA A 418 -35.90 -3.21 -10.65
CA ALA A 418 -35.81 -4.17 -11.73
C ALA A 418 -34.69 -3.86 -12.71
N LYS A 419 -34.06 -2.69 -12.64
CA LYS A 419 -32.94 -2.46 -13.54
C LYS A 419 -31.89 -3.57 -13.41
N THR A 420 -31.62 -4.00 -12.17
CA THR A 420 -30.66 -5.07 -11.87
C THR A 420 -31.19 -6.16 -10.95
N PHE A 421 -32.35 -5.98 -10.30
CA PHE A 421 -32.72 -6.91 -9.23
C PHE A 421 -34.23 -6.85 -9.04
N PRO A 422 -35.00 -7.43 -9.96
CA PRO A 422 -36.46 -7.36 -9.85
C PRO A 422 -37.01 -7.84 -8.52
N ASP A 423 -36.44 -8.90 -7.94
CA ASP A 423 -36.99 -9.52 -6.74
C ASP A 423 -36.32 -9.04 -5.46
N TYR A 424 -35.70 -7.87 -5.49
CA TYR A 424 -34.95 -7.41 -4.30
C TYR A 424 -35.79 -7.44 -3.01
N PHE A 425 -36.97 -6.83 -3.03
CA PHE A 425 -37.68 -6.68 -1.76
C PHE A 425 -38.16 -8.01 -1.21
N GLU A 426 -38.53 -8.94 -2.08
CA GLU A 426 -38.90 -10.28 -1.64
C GLU A 426 -37.71 -11.00 -1.04
N GLN A 427 -36.53 -10.83 -1.65
CA GLN A 427 -35.33 -11.45 -1.09
C GLN A 427 -34.97 -10.86 0.26
N LEU A 428 -35.12 -9.54 0.42
CA LEU A 428 -34.89 -8.93 1.72
C LEU A 428 -35.89 -9.45 2.75
N ALA A 429 -37.17 -9.56 2.36
CA ALA A 429 -38.17 -10.04 3.30
C ALA A 429 -37.87 -11.45 3.77
N ARG A 430 -37.29 -12.29 2.90
CA ARG A 430 -37.03 -13.69 3.26
CA ARG A 430 -37.03 -13.69 3.25
C ARG A 430 -36.02 -13.81 4.39
N ILE A 431 -35.12 -12.83 4.55
CA ILE A 431 -34.15 -12.86 5.65
C ILE A 431 -34.52 -11.94 6.80
N SER A 432 -35.69 -11.31 6.74
CA SER A 432 -36.10 -10.32 7.75
C SER A 432 -37.09 -10.92 8.74
N THR A 433 -36.91 -10.57 10.00
CA THR A 433 -37.91 -10.80 11.04
C THR A 433 -38.39 -9.44 11.52
N LEU A 434 -39.68 -9.15 11.33
CA LEU A 434 -40.21 -7.85 11.70
C LEU A 434 -40.21 -7.69 13.21
N ALA A 435 -39.98 -6.46 13.65
CA ALA A 435 -40.13 -6.10 15.05
C ALA A 435 -41.57 -6.23 15.46
N MET B 9 5.27 14.20 30.44
CA MET B 9 5.79 13.68 29.16
C MET B 9 6.08 14.86 28.23
N GLU B 10 7.36 15.14 27.96
CA GLU B 10 7.71 16.14 26.98
C GLU B 10 7.15 15.76 25.60
N SER B 11 6.88 16.78 24.80
CA SER B 11 6.37 16.54 23.45
C SER B 11 6.73 17.72 22.57
N LEU B 12 6.71 17.46 21.26
CA LEU B 12 6.96 18.47 20.25
C LEU B 12 5.89 18.35 19.18
N THR B 13 5.12 19.42 18.98
CA THR B 13 4.15 19.43 17.90
C THR B 13 4.79 20.08 16.68
N LEU B 14 4.71 19.40 15.55
CA LEU B 14 5.21 19.89 14.28
C LEU B 14 4.03 20.46 13.51
N GLN B 15 4.17 21.75 13.16
CA GLN B 15 3.20 22.41 12.31
C GLN B 15 3.31 21.88 10.89
N PRO B 16 2.19 21.84 10.16
CA PRO B 16 2.24 21.36 8.78
C PRO B 16 3.23 22.13 7.93
N ILE B 17 3.97 21.38 7.11
CA ILE B 17 5.08 21.86 6.31
C ILE B 17 4.61 21.86 4.86
N ALA B 18 4.58 23.04 4.24
CA ALA B 18 4.09 23.16 2.87
C ALA B 18 5.12 22.69 1.84
N ARG B 19 6.41 22.84 2.11
CA ARG B 19 7.44 22.51 1.14
C ARG B 19 8.76 22.37 1.88
N VAL B 20 9.65 21.52 1.36
CA VAL B 20 11.01 21.42 1.86
C VAL B 20 11.99 21.62 0.71
N GLU B 21 13.13 22.24 1.04
CA GLU B 21 14.20 22.45 0.06
C GLU B 21 15.42 22.95 0.79
N GLY B 22 16.60 22.48 0.37
CA GLY B 22 17.84 23.04 0.87
C GLY B 22 18.92 21.98 0.95
N THR B 23 20.03 22.37 1.57
CA THR B 23 21.19 21.48 1.74
C THR B 23 21.41 21.24 3.23
N VAL B 24 21.52 19.96 3.59
CA VAL B 24 21.79 19.53 4.96
C VAL B 24 23.20 18.99 4.99
N ASN B 25 24.03 19.57 5.84
CA ASN B 25 25.38 19.05 6.08
C ASN B 25 25.26 18.01 7.20
N LEU B 26 25.46 16.75 6.85
CA LEU B 26 25.07 15.67 7.75
C LEU B 26 26.01 15.59 8.95
N PRO B 27 25.48 15.27 10.14
CA PRO B 27 26.35 14.88 11.25
C PRO B 27 26.97 13.52 10.95
N GLY B 28 28.00 13.18 11.72
CA GLY B 28 28.74 11.97 11.46
C GLY B 28 27.92 10.71 11.62
N SER B 29 28.36 9.68 10.91
CA SER B 29 27.78 8.35 11.02
C SER B 29 28.05 7.74 12.39
N LYS B 30 26.99 7.28 13.04
CA LYS B 30 27.14 6.55 14.30
C LYS B 30 27.92 5.26 14.10
N SER B 31 27.59 4.51 13.05
CA SER B 31 28.23 3.22 12.80
C SER B 31 29.73 3.39 12.57
N VAL B 32 30.09 4.37 11.73
CA VAL B 32 31.49 4.63 11.47
C VAL B 32 32.18 5.20 12.71
N SER B 33 31.52 6.12 13.42
CA SER B 33 32.16 6.78 14.55
C SER B 33 32.58 5.78 15.60
N ASN B 34 31.68 4.87 15.99
CA ASN B 34 32.03 3.95 17.07
C ASN B 34 33.05 2.89 16.64
N ARG B 35 33.00 2.46 15.36
CA ARG B 35 34.08 1.59 14.89
C ARG B 35 35.43 2.32 14.91
N ALA B 36 35.44 3.54 14.39
CA ALA B 36 36.70 4.26 14.25
C ALA B 36 37.29 4.59 15.61
N LEU B 37 36.45 4.91 16.59
CA LEU B 37 36.95 5.20 17.94
C LEU B 37 37.60 3.97 18.54
N LEU B 38 36.93 2.82 18.44
CA LEU B 38 37.53 1.62 19.01
C LEU B 38 38.83 1.24 18.30
N LEU B 39 38.83 1.28 16.96
CA LEU B 39 40.04 0.93 16.23
C LEU B 39 41.16 1.91 16.52
N ALA B 40 40.84 3.22 16.60
CA ALA B 40 41.87 4.20 16.95
C ALA B 40 42.44 3.93 18.34
N ALA B 41 41.58 3.54 19.30
CA ALA B 41 42.07 3.24 20.64
C ALA B 41 43.01 2.04 20.64
N LEU B 42 42.73 1.04 19.82
CA LEU B 42 43.56 -0.19 19.79
C LEU B 42 44.83 -0.03 18.93
N ALA B 43 44.87 0.92 18.04
CA ALA B 43 45.89 0.99 17.01
C ALA B 43 47.18 1.61 17.51
N ARG B 44 48.23 1.28 16.76
CA ARG B 44 49.47 2.04 16.82
C ARG B 44 49.25 3.44 16.29
N GLY B 45 49.81 4.40 17.06
CA GLY B 45 49.79 5.76 16.51
C GLY B 45 48.62 6.62 16.95
N THR B 46 48.61 7.85 16.45
CA THR B 46 47.60 8.84 16.84
C THR B 46 46.69 9.12 15.66
N THR B 47 45.39 8.95 15.87
CA THR B 47 44.37 9.15 14.84
C THR B 47 43.63 10.45 15.12
N VAL B 48 43.41 11.26 14.08
CA VAL B 48 42.60 12.46 14.17
C VAL B 48 41.31 12.21 13.39
N LEU B 49 40.20 12.14 14.12
CA LEU B 49 38.89 11.92 13.53
C LEU B 49 38.19 13.26 13.32
N THR B 50 37.70 13.48 12.11
CA THR B 50 36.95 14.66 11.70
C THR B 50 35.52 14.23 11.40
N ASN B 51 34.57 15.09 11.78
CA ASN B 51 33.13 14.83 11.63
C ASN B 51 32.65 13.64 12.48
N LEU B 52 33.30 13.40 13.61
CA LEU B 52 32.77 12.45 14.58
C LEU B 52 31.38 12.90 15.01
N LEU B 53 30.48 11.95 15.18
CA LEU B 53 29.13 12.23 15.65
C LEU B 53 29.14 12.51 17.14
N ASP B 54 28.47 13.59 17.56
CA ASP B 54 28.12 13.81 18.96
C ASP B 54 26.69 13.33 19.18
N SER B 55 26.54 12.18 19.83
CA SER B 55 25.23 11.64 20.16
C SER B 55 25.41 10.68 21.34
N ASP B 56 24.30 10.18 21.88
CA ASP B 56 24.40 9.34 23.07
C ASP B 56 25.27 8.12 22.81
N ASP B 57 25.07 7.44 21.67
CA ASP B 57 25.77 6.18 21.44
C ASP B 57 27.29 6.39 21.37
N VAL B 58 27.71 7.52 20.78
CA VAL B 58 29.14 7.83 20.71
C VAL B 58 29.67 8.26 22.06
N ARG B 59 28.87 9.04 22.80
CA ARG B 59 29.28 9.46 24.14
CA ARG B 59 29.29 9.45 24.13
CA ARG B 59 29.28 9.46 24.14
C ARG B 59 29.53 8.25 25.04
N HIS B 60 28.67 7.23 24.95
CA HIS B 60 28.90 6.04 25.76
C HIS B 60 30.21 5.34 25.39
N MET B 61 30.52 5.27 24.09
CA MET B 61 31.82 4.73 23.68
C MET B 61 32.97 5.57 24.23
N LEU B 62 32.89 6.90 24.07
CA LEU B 62 33.94 7.79 24.56
C LEU B 62 34.15 7.61 26.06
N ASN B 63 33.05 7.52 26.83
CA ASN B 63 33.17 7.35 28.27
C ASN B 63 33.82 6.02 28.61
N ALA B 64 33.50 4.96 27.86
CA ALA B 64 34.11 3.67 28.11
C ALA B 64 35.61 3.74 27.83
N LEU B 65 35.97 4.38 26.71
CA LEU B 65 37.40 4.47 26.39
C LEU B 65 38.15 5.27 27.45
N SER B 66 37.54 6.35 27.95
CA SER B 66 38.17 7.11 29.03
CA SER B 66 38.18 7.10 29.02
C SER B 66 38.40 6.22 30.25
N ALA B 67 37.38 5.45 30.64
CA ALA B 67 37.49 4.59 31.81
C ALA B 67 38.56 3.53 31.62
N LEU B 68 38.82 3.13 30.39
CA LEU B 68 39.84 2.14 30.05
C LEU B 68 41.25 2.75 29.91
N GLY B 69 41.40 4.04 30.20
CA GLY B 69 42.70 4.68 30.17
C GLY B 69 43.13 5.24 28.83
N VAL B 70 42.25 5.24 27.83
CA VAL B 70 42.60 5.78 26.53
C VAL B 70 42.71 7.30 26.64
N GLN B 71 43.79 7.84 26.09
CA GLN B 71 44.01 9.28 26.06
C GLN B 71 43.49 9.83 24.75
N TYR B 72 42.61 10.82 24.84
CA TYR B 72 42.10 11.48 23.66
C TYR B 72 41.68 12.91 24.03
N THR B 73 41.57 13.73 23.00
CA THR B 73 41.10 15.11 23.13
CA THR B 73 41.08 15.09 23.15
C THR B 73 39.94 15.32 22.19
N LEU B 74 38.95 16.10 22.64
CA LEU B 74 37.77 16.47 21.87
C LEU B 74 37.74 17.97 21.65
N SER B 75 37.30 18.38 20.46
CA SER B 75 37.05 19.78 20.20
C SER B 75 35.86 20.27 21.02
N ALA B 76 35.69 21.60 21.03
CA ALA B 76 34.59 22.20 21.79
C ALA B 76 33.25 21.57 21.41
N ASP B 77 33.02 21.34 20.11
CA ASP B 77 31.75 20.78 19.65
C ASP B 77 31.73 19.25 19.60
N ARG B 78 32.80 18.59 20.05
CA ARG B 78 32.85 17.14 20.16
C ARG B 78 32.84 16.42 18.82
N THR B 79 33.08 17.13 17.71
CA THR B 79 33.11 16.47 16.40
C THR B 79 34.52 16.24 15.86
N ARG B 80 35.55 16.71 16.54
CA ARG B 80 36.92 16.40 16.18
C ARG B 80 37.57 15.75 17.38
N CYS B 81 38.23 14.62 17.16
CA CYS B 81 38.76 13.82 18.26
C CYS B 81 40.13 13.28 17.90
N GLU B 82 41.13 13.58 18.72
CA GLU B 82 42.49 13.06 18.55
CA GLU B 82 42.49 13.06 18.55
C GLU B 82 42.72 11.96 19.58
N VAL B 83 42.91 10.74 19.09
CA VAL B 83 43.03 9.54 19.92
C VAL B 83 44.48 9.05 19.88
N THR B 84 45.10 8.92 21.05
CA THR B 84 46.43 8.30 21.16
C THR B 84 46.23 6.80 21.26
N GLY B 85 46.63 6.08 20.22
CA GLY B 85 46.40 4.65 20.19
C GLY B 85 47.23 3.88 21.20
N ASN B 86 46.65 2.81 21.71
CA ASN B 86 47.29 1.98 22.72
C ASN B 86 48.27 0.97 22.13
N GLY B 87 48.20 0.72 20.82
CA GLY B 87 49.03 -0.29 20.21
C GLY B 87 48.75 -1.70 20.71
N GLY B 88 47.53 -1.96 21.14
CA GLY B 88 47.15 -3.28 21.56
C GLY B 88 45.91 -3.26 22.42
N PRO B 89 45.54 -4.43 22.93
CA PRO B 89 44.32 -4.56 23.72
C PRO B 89 44.29 -3.59 24.88
N LEU B 90 43.07 -3.13 25.16
CA LEU B 90 42.84 -2.20 26.25
C LEU B 90 42.80 -2.96 27.56
N ARG B 91 43.54 -2.48 28.54
CA ARG B 91 43.73 -3.18 29.80
CA ARG B 91 43.70 -3.18 29.80
C ARG B 91 43.46 -2.21 30.94
N SER B 92 42.71 -2.65 31.94
CA SER B 92 42.46 -1.89 33.14
C SER B 92 42.96 -2.70 34.31
N ALA B 93 43.83 -2.11 35.13
CA ALA B 93 44.34 -2.85 36.27
C ALA B 93 43.22 -3.20 37.25
N ALA B 94 42.32 -2.26 37.51
CA ALA B 94 41.24 -2.53 38.44
C ALA B 94 40.01 -3.02 37.71
N ALA B 95 39.11 -3.64 38.46
CA ALA B 95 37.82 -4.01 37.91
C ALA B 95 37.04 -2.76 37.55
N LEU B 96 36.24 -2.89 36.50
CA LEU B 96 35.42 -1.76 36.04
C LEU B 96 34.00 -2.21 35.71
N GLU B 97 33.07 -1.28 35.81
CA GLU B 97 31.73 -1.47 35.28
C GLU B 97 31.44 -0.33 34.32
N LEU B 98 31.16 -0.69 33.07
CA LEU B 98 30.95 0.28 32.00
C LEU B 98 29.47 0.30 31.63
N PHE B 99 28.87 1.48 31.69
CA PHE B 99 27.47 1.67 31.33
C PHE B 99 27.42 2.13 29.88
N LEU B 100 26.69 1.39 29.04
CA LEU B 100 26.72 1.60 27.60
C LEU B 100 25.36 2.01 27.03
N GLY B 101 24.47 2.54 27.88
CA GLY B 101 23.20 3.04 27.37
C GLY B 101 22.42 1.94 26.66
N ASN B 102 21.99 2.23 25.44
CA ASN B 102 21.39 1.24 24.56
C ASN B 102 22.14 1.21 23.23
N ALA B 103 23.47 1.38 23.30
CA ALA B 103 24.34 1.46 22.13
C ALA B 103 24.88 0.08 21.75
N GLY B 104 24.22 -0.55 20.77
CA GLY B 104 24.70 -1.83 20.29
C GLY B 104 26.12 -1.77 19.78
N THR B 105 26.48 -0.68 19.10
CA THR B 105 27.82 -0.52 18.54
C THR B 105 28.87 -0.22 19.59
N ALA B 106 28.48 -0.01 20.84
CA ALA B 106 29.43 -0.09 21.95
C ALA B 106 29.38 -1.46 22.63
N MET B 107 28.18 -1.94 22.97
CA MET B 107 28.07 -3.18 23.74
C MET B 107 28.63 -4.39 22.98
N ARG B 108 28.24 -4.58 21.72
CA ARG B 108 28.70 -5.76 21.01
C ARG B 108 30.21 -5.66 20.72
N PRO B 109 30.71 -4.60 20.09
CA PRO B 109 32.17 -4.54 19.85
C PRO B 109 33.03 -4.60 21.11
N LEU B 110 32.62 -3.94 22.19
CA LEU B 110 33.42 -3.98 23.40
C LEU B 110 33.33 -5.33 24.09
N ALA B 111 32.19 -6.01 24.01
CA ALA B 111 32.09 -7.35 24.59
C ALA B 111 33.17 -8.25 23.99
N ALA B 112 33.40 -8.12 22.68
CA ALA B 112 34.46 -8.92 22.07
C ALA B 112 35.85 -8.36 22.37
N ALA B 113 36.05 -7.06 22.17
CA ALA B 113 37.40 -6.51 22.27
C ALA B 113 37.98 -6.68 23.68
N LEU B 114 37.14 -6.53 24.69
CA LEU B 114 37.60 -6.61 26.07
C LEU B 114 37.77 -8.06 26.53
N CYS B 115 37.61 -9.02 25.61
CA CYS B 115 38.01 -10.40 25.86
C CYS B 115 39.48 -10.65 25.52
N LEU B 116 40.18 -9.65 24.99
CA LEU B 116 41.60 -9.82 24.69
C LEU B 116 42.41 -9.56 25.94
N GLY B 117 43.33 -10.47 26.23
CA GLY B 117 44.14 -10.33 27.43
C GLY B 117 43.34 -10.75 28.65
N SER B 118 43.67 -10.10 29.76
CA SER B 118 42.97 -10.36 31.04
C SER B 118 42.43 -9.04 31.59
N ASN B 119 41.26 -9.07 32.19
CA ASN B 119 40.59 -7.91 32.73
C ASN B 119 39.53 -8.45 33.66
N ASP B 120 38.80 -7.54 34.31
CA ASP B 120 37.60 -7.90 35.06
C ASP B 120 36.65 -6.74 34.86
N ILE B 121 35.82 -6.84 33.81
CA ILE B 121 35.03 -5.71 33.35
C ILE B 121 33.59 -6.16 33.16
N VAL B 122 32.66 -5.44 33.77
CA VAL B 122 31.23 -5.68 33.57
C VAL B 122 30.73 -4.67 32.56
N LEU B 123 30.03 -5.15 31.55
CA LEU B 123 29.32 -4.31 30.59
C LEU B 123 27.83 -4.39 30.88
N THR B 124 27.22 -3.23 31.04
CA THR B 124 25.78 -3.16 31.26
C THR B 124 25.22 -1.96 30.52
N GLY B 125 23.94 -1.70 30.73
CA GLY B 125 23.30 -0.58 30.07
C GLY B 125 21.88 -0.38 30.59
N GLU B 126 21.11 0.35 29.79
CA GLU B 126 19.72 0.66 30.12
C GLU B 126 18.90 -0.62 30.15
N PRO B 127 17.72 -0.58 30.78
CA PRO B 127 16.89 -1.80 30.84
C PRO B 127 16.66 -2.47 29.50
N ARG B 128 16.42 -1.69 28.44
CA ARG B 128 16.18 -2.30 27.14
C ARG B 128 17.39 -3.08 26.65
N MET B 129 18.59 -2.56 26.92
CA MET B 129 19.79 -3.26 26.47
C MET B 129 19.91 -4.64 27.12
N LYS B 130 19.43 -4.79 28.37
CA LYS B 130 19.42 -6.09 29.00
C LYS B 130 18.41 -7.04 28.37
N GLU B 131 17.54 -6.53 27.48
CA GLU B 131 16.57 -7.31 26.73
CA GLU B 131 16.61 -7.38 26.75
C GLU B 131 17.01 -7.56 25.30
N ARG B 132 18.20 -7.06 24.90
CA ARG B 132 18.65 -7.22 23.53
C ARG B 132 19.70 -8.33 23.45
N PRO B 133 19.57 -9.25 22.50
CA PRO B 133 20.34 -10.49 22.56
C PRO B 133 21.82 -10.28 22.31
N ILE B 134 22.64 -11.10 22.98
CA ILE B 134 24.09 -11.10 22.75
C ILE B 134 24.68 -12.51 22.79
N GLY B 135 23.82 -13.51 22.99
CA GLY B 135 24.33 -14.86 23.18
C GLY B 135 25.12 -15.41 22.01
N HIS B 136 24.74 -15.07 20.78
CA HIS B 136 25.47 -15.60 19.64
C HIS B 136 26.93 -15.13 19.67
N LEU B 137 27.14 -13.89 20.12
CA LEU B 137 28.49 -13.36 20.27
C LEU B 137 29.20 -14.04 21.43
N VAL B 138 28.53 -14.16 22.59
CA VAL B 138 29.14 -14.81 23.74
C VAL B 138 29.56 -16.23 23.40
N ASP B 139 28.70 -16.96 22.67
CA ASP B 139 29.01 -18.34 22.31
C ASP B 139 30.29 -18.40 21.49
N ALA B 140 30.40 -17.52 20.48
CA ALA B 140 31.60 -17.51 19.65
C ALA B 140 32.85 -17.15 20.45
N LEU B 141 32.73 -16.14 21.31
CA LEU B 141 33.89 -15.70 22.10
C LEU B 141 34.35 -16.83 23.03
N ARG B 142 33.41 -17.52 23.67
CA ARG B 142 33.77 -18.62 24.55
C ARG B 142 34.42 -19.75 23.76
N GLN B 143 33.90 -20.03 22.55
CA GLN B 143 34.49 -21.08 21.73
CA GLN B 143 34.51 -21.07 21.72
C GLN B 143 35.96 -20.76 21.42
N GLY B 144 36.30 -19.49 21.33
CA GLY B 144 37.67 -19.06 21.12
C GLY B 144 38.49 -18.87 22.39
N GLY B 145 37.94 -19.20 23.56
CA GLY B 145 38.70 -19.25 24.80
C GLY B 145 38.33 -18.19 25.81
N ALA B 146 37.44 -17.25 25.48
CA ALA B 146 37.12 -16.16 26.39
C ALA B 146 36.34 -16.68 27.60
N GLN B 147 36.60 -16.04 28.75
CA GLN B 147 35.89 -16.28 29.99
C GLN B 147 34.87 -15.15 30.15
N ILE B 148 33.58 -15.51 30.09
CA ILE B 148 32.47 -14.57 30.15
C ILE B 148 31.43 -15.13 31.09
N ASP B 149 30.90 -14.31 31.98
CA ASP B 149 29.78 -14.69 32.81
C ASP B 149 28.60 -13.80 32.50
N CYS B 150 27.45 -14.42 32.21
CA CYS B 150 26.21 -13.68 32.05
C CYS B 150 25.60 -13.57 33.44
N LEU B 151 25.62 -12.35 34.00
CA LEU B 151 25.36 -12.19 35.42
C LEU B 151 23.89 -12.38 35.77
N GLU B 152 22.99 -12.22 34.81
CA GLU B 152 21.57 -12.36 35.07
C GLU B 152 20.98 -13.55 34.34
N GLN B 153 21.23 -13.65 33.04
CA GLN B 153 20.75 -14.81 32.28
C GLN B 153 21.60 -14.93 31.03
N GLU B 154 21.76 -16.16 30.56
CA GLU B 154 22.51 -16.37 29.36
C GLU B 154 21.80 -15.66 28.22
N ASN B 155 22.59 -15.26 27.23
CA ASN B 155 22.17 -14.68 25.96
C ASN B 155 21.83 -13.20 26.06
N TYR B 156 21.99 -12.56 27.21
CA TYR B 156 21.71 -11.13 27.37
C TYR B 156 22.73 -10.48 28.28
N PRO B 157 22.99 -9.19 28.08
CA PRO B 157 23.75 -8.45 29.09
C PRO B 157 22.96 -8.40 30.38
N PRO B 158 23.60 -8.09 31.51
CA PRO B 158 25.00 -7.66 31.66
C PRO B 158 25.99 -8.82 31.65
N LEU B 159 27.22 -8.50 31.23
CA LEU B 159 28.27 -9.50 31.05
C LEU B 159 29.46 -9.12 31.91
N ARG B 160 30.09 -10.11 32.53
CA ARG B 160 31.39 -9.93 33.16
C ARG B 160 32.43 -10.60 32.26
N LEU B 161 33.40 -9.81 31.81
CA LEU B 161 34.43 -10.24 30.88
C LEU B 161 35.74 -10.38 31.66
N ARG B 162 36.28 -11.60 31.68
CA ARG B 162 37.59 -11.83 32.29
C ARG B 162 38.70 -12.10 31.28
N GLY B 163 38.39 -12.16 29.99
CA GLY B 163 39.42 -12.21 28.97
C GLY B 163 39.78 -13.63 28.55
N GLY B 164 40.93 -13.74 27.92
CA GLY B 164 41.42 -15.03 27.51
C GLY B 164 41.10 -15.47 26.09
N PHE B 165 40.51 -14.61 25.27
CA PHE B 165 40.24 -15.02 23.90
C PHE B 165 41.54 -15.34 23.16
N GLN B 166 41.60 -16.54 22.59
CA GLN B 166 42.78 -17.02 21.88
C GLN B 166 42.64 -16.95 20.36
N GLY B 167 41.45 -17.19 19.84
CA GLY B 167 41.27 -17.35 18.42
C GLY B 167 40.84 -18.77 18.11
N GLY B 168 41.28 -19.30 17.00
CA GLY B 168 40.93 -20.65 16.62
C GLY B 168 39.69 -20.71 15.73
N ASN B 169 39.10 -21.89 15.69
CA ASN B 169 37.93 -22.13 14.88
C ASN B 169 36.70 -21.81 15.70
N VAL B 170 35.90 -20.84 15.25
CA VAL B 170 34.69 -20.45 15.95
C VAL B 170 33.56 -20.37 14.94
N GLU B 171 32.36 -20.55 15.44
CA GLU B 171 31.14 -20.36 14.67
C GLU B 171 30.37 -19.19 15.27
N VAL B 172 29.75 -18.40 14.39
CA VAL B 172 28.84 -17.36 14.85
C VAL B 172 27.55 -17.41 14.02
N ASP B 173 26.43 -17.32 14.73
CA ASP B 173 25.12 -17.20 14.11
C ASP B 173 24.99 -15.78 13.58
N GLY B 174 24.65 -15.65 12.30
CA GLY B 174 24.42 -14.37 11.65
C GLY B 174 22.96 -14.01 11.46
N SER B 175 22.03 -14.78 12.02
CA SER B 175 20.63 -14.67 11.67
C SER B 175 19.88 -13.62 12.48
N VAL B 176 20.46 -13.09 13.56
CA VAL B 176 19.79 -12.15 14.43
C VAL B 176 20.42 -10.77 14.37
N SER B 177 21.75 -10.70 14.40
CA SER B 177 22.43 -9.42 14.27
C SER B 177 23.76 -9.62 13.58
N SER B 178 24.07 -8.70 12.65
CA SER B 178 25.41 -8.64 12.10
C SER B 178 26.44 -8.11 13.11
N GLN B 179 25.98 -7.47 14.19
CA GLN B 179 26.93 -6.82 15.10
C GLN B 179 27.79 -7.83 15.82
N PHE B 180 27.32 -9.07 15.95
CA PHE B 180 28.11 -10.11 16.58
C PHE B 180 29.34 -10.43 15.71
N LEU B 181 29.11 -10.65 14.41
CA LEU B 181 30.23 -10.87 13.50
C LEU B 181 31.13 -9.63 13.40
N THR B 182 30.54 -8.42 13.34
CA THR B 182 31.36 -7.21 13.35
C THR B 182 32.31 -7.19 14.55
N ALA B 183 31.77 -7.52 15.72
CA ALA B 183 32.57 -7.48 16.94
C ALA B 183 33.71 -8.48 16.88
N LEU B 184 33.41 -9.70 16.40
CA LEU B 184 34.45 -10.73 16.28
C LEU B 184 35.52 -10.32 15.28
N LEU B 185 35.10 -9.76 14.13
CA LEU B 185 36.06 -9.36 13.11
C LEU B 185 37.04 -8.31 13.63
N MET B 186 36.56 -7.35 14.39
CA MET B 186 37.47 -6.28 14.86
C MET B 186 38.41 -6.80 15.95
N THR B 187 37.96 -7.79 16.71
CA THR B 187 38.79 -8.33 17.79
C THR B 187 39.81 -9.35 17.31
N ALA B 188 39.43 -10.22 16.38
CA ALA B 188 40.29 -11.36 16.01
C ALA B 188 41.71 -10.99 15.60
N PRO B 189 41.96 -9.91 14.86
CA PRO B 189 43.34 -9.65 14.42
C PRO B 189 44.32 -9.52 15.56
N LEU B 190 43.86 -9.15 16.75
CA LEU B 190 44.72 -8.95 17.90
C LEU B 190 44.86 -10.19 18.77
N ALA B 191 44.19 -11.27 18.41
CA ALA B 191 44.25 -12.49 19.19
C ALA B 191 45.59 -13.20 18.96
N PRO B 192 46.01 -14.04 19.93
CA PRO B 192 47.30 -14.72 19.78
C PRO B 192 47.34 -15.81 18.73
N GLN B 193 46.20 -16.32 18.28
CA GLN B 193 46.11 -17.32 17.23
C GLN B 193 45.28 -16.78 16.08
N ASP B 194 45.48 -17.36 14.91
CA ASP B 194 44.62 -17.05 13.77
C ASP B 194 43.21 -17.54 14.10
N THR B 195 42.22 -16.91 13.50
CA THR B 195 40.81 -17.23 13.75
C THR B 195 40.13 -17.54 12.43
N VAL B 196 39.36 -18.63 12.41
CA VAL B 196 38.46 -18.92 11.29
C VAL B 196 37.04 -18.81 11.83
N ILE B 197 36.26 -17.88 11.29
CA ILE B 197 34.89 -17.63 11.72
C ILE B 197 33.97 -18.22 10.66
N VAL B 198 33.18 -19.23 11.03
CA VAL B 198 32.20 -19.83 10.14
C VAL B 198 30.83 -19.28 10.52
N ILE B 199 30.11 -18.81 9.52
CA ILE B 199 28.73 -18.31 9.74
C ILE B 199 27.78 -19.53 9.73
N LYS B 200 26.99 -19.67 10.76
CA LYS B 200 26.13 -20.89 10.87
C LYS B 200 25.16 -21.00 9.69
N GLY B 201 24.41 -19.93 9.42
CA GLY B 201 23.42 -19.95 8.35
C GLY B 201 23.29 -18.60 7.68
N ASP B 202 22.09 -18.02 7.71
CA ASP B 202 21.91 -16.75 7.03
C ASP B 202 22.66 -15.66 7.77
N LEU B 203 23.04 -14.62 7.03
CA LEU B 203 23.64 -13.42 7.60
C LEU B 203 22.73 -12.23 7.27
N VAL B 204 22.19 -11.61 8.30
CA VAL B 204 21.41 -10.40 8.12
C VAL B 204 22.34 -9.18 8.11
N SER B 205 21.81 -8.07 7.58
CA SER B 205 22.48 -6.78 7.69
C SER B 205 23.89 -6.82 7.11
N LYS B 206 24.06 -7.56 6.00
CA LYS B 206 25.39 -7.72 5.42
C LYS B 206 26.13 -6.40 5.14
N PRO B 207 25.49 -5.33 4.68
CA PRO B 207 26.26 -4.11 4.43
C PRO B 207 26.97 -3.56 5.65
N TYR B 208 26.50 -3.87 6.88
CA TYR B 208 27.24 -3.42 8.05
C TYR B 208 28.54 -4.19 8.22
N ILE B 209 28.58 -5.45 7.77
CA ILE B 209 29.85 -6.17 7.72
C ILE B 209 30.80 -5.48 6.75
N ASP B 210 30.26 -5.00 5.62
CA ASP B 210 31.12 -4.25 4.69
C ASP B 210 31.69 -2.99 5.35
N ILE B 211 30.88 -2.25 6.10
CA ILE B 211 31.42 -1.11 6.84
C ILE B 211 32.60 -1.56 7.70
N THR B 212 32.40 -2.63 8.48
CA THR B 212 33.46 -3.08 9.37
C THR B 212 34.75 -3.39 8.62
N LEU B 213 34.64 -4.12 7.50
CA LEU B 213 35.81 -4.51 6.73
C LEU B 213 36.51 -3.29 6.14
N HIS B 214 35.75 -2.29 5.69
CA HIS B 214 36.37 -1.07 5.18
C HIS B 214 37.14 -0.35 6.27
N LEU B 215 36.54 -0.24 7.47
CA LEU B 215 37.20 0.45 8.56
C LEU B 215 38.46 -0.29 8.99
N MET B 216 38.38 -1.63 9.07
CA MET B 216 39.57 -2.39 9.43
C MET B 216 40.67 -2.19 8.41
N LYS B 217 40.33 -2.17 7.11
CA LYS B 217 41.35 -1.95 6.09
C LYS B 217 41.99 -0.57 6.22
N THR B 218 41.18 0.45 6.51
CA THR B 218 41.74 1.78 6.75
C THR B 218 42.77 1.75 7.86
N PHE B 219 42.52 0.94 8.88
CA PHE B 219 43.43 0.79 10.01
C PHE B 219 44.44 -0.35 9.81
N GLY B 220 44.66 -0.78 8.57
CA GLY B 220 45.82 -1.60 8.26
C GLY B 220 45.61 -3.10 8.29
N VAL B 221 44.36 -3.58 8.40
CA VAL B 221 44.10 -4.99 8.60
C VAL B 221 43.12 -5.49 7.54
N GLU B 222 43.48 -6.60 6.91
CA GLU B 222 42.62 -7.23 5.93
CA GLU B 222 42.66 -7.24 5.90
C GLU B 222 42.21 -8.62 6.40
N VAL B 223 41.12 -9.09 5.81
CA VAL B 223 40.43 -10.31 6.17
C VAL B 223 40.14 -11.08 4.90
N ASP B 224 40.18 -12.41 4.97
CA ASP B 224 39.78 -13.22 3.82
C ASP B 224 38.30 -13.54 3.99
N ASN B 225 37.45 -12.83 3.23
CA ASN B 225 36.00 -12.99 3.28
C ASN B 225 35.60 -13.95 2.17
N GLN B 226 35.26 -15.18 2.55
CA GLN B 226 34.86 -16.23 1.63
C GLN B 226 33.34 -16.25 1.55
N SER B 227 32.82 -15.42 0.64
CA SER B 227 31.41 -15.37 0.26
C SER B 227 30.50 -15.10 1.45
N TYR B 228 30.99 -14.36 2.44
CA TYR B 228 30.26 -14.01 3.65
C TYR B 228 29.84 -15.23 4.45
N GLN B 229 30.43 -16.40 4.16
CA GLN B 229 30.14 -17.61 4.90
C GLN B 229 31.30 -18.08 5.75
N ARG B 230 32.52 -17.66 5.43
CA ARG B 230 33.68 -18.05 6.24
C ARG B 230 34.68 -16.90 6.17
N PHE B 231 35.22 -16.51 7.31
CA PHE B 231 36.18 -15.40 7.37
C PHE B 231 37.45 -15.92 8.01
N VAL B 232 38.58 -15.73 7.34
CA VAL B 232 39.88 -16.12 7.86
C VAL B 232 40.63 -14.86 8.25
N VAL B 233 41.05 -14.80 9.52
CA VAL B 233 41.73 -13.65 10.10
C VAL B 233 43.06 -14.13 10.67
N ARG B 234 44.14 -13.44 10.30
CA ARG B 234 45.44 -13.71 10.91
C ARG B 234 45.51 -13.02 12.26
N GLY B 235 46.04 -13.73 13.25
CA GLY B 235 46.24 -13.16 14.57
C GLY B 235 47.55 -12.38 14.66
N LYS B 236 47.86 -11.93 15.89
CA LYS B 236 49.15 -11.35 16.21
C LYS B 236 49.41 -10.05 15.45
N GLN B 237 48.35 -9.35 15.07
CA GLN B 237 48.48 -8.11 14.32
C GLN B 237 48.37 -6.91 15.26
N GLN B 238 48.77 -5.76 14.75
CA GLN B 238 48.41 -4.48 15.33
C GLN B 238 47.70 -3.65 14.27
N TYR B 239 46.64 -2.96 14.68
CA TYR B 239 46.09 -1.92 13.83
C TYR B 239 47.08 -0.77 13.75
N GLN B 240 47.03 -0.03 12.64
CA GLN B 240 47.89 1.12 12.43
C GLN B 240 47.01 2.32 12.09
N SER B 241 47.17 3.39 12.84
CA SER B 241 46.39 4.59 12.58
C SER B 241 46.65 5.08 11.16
N PRO B 242 45.60 5.50 10.44
CA PRO B 242 45.80 6.18 9.15
C PRO B 242 46.26 7.62 9.29
N GLY B 243 46.36 8.13 10.50
CA GLY B 243 46.57 9.55 10.72
C GLY B 243 45.23 10.29 10.77
N ASP B 244 44.96 11.08 9.74
CA ASP B 244 43.63 11.68 9.62
C ASP B 244 42.64 10.65 9.13
N TYR B 245 41.42 10.70 9.70
CA TYR B 245 40.33 9.91 9.17
C TYR B 245 39.06 10.74 9.19
N LEU B 246 38.40 10.85 8.03
CA LEU B 246 37.16 11.58 7.87
C LEU B 246 35.99 10.63 8.06
N VAL B 247 35.18 10.89 9.09
CA VAL B 247 33.97 10.12 9.33
C VAL B 247 32.90 10.59 8.35
N GLU B 248 32.34 9.67 7.57
CA GLU B 248 31.26 9.99 6.66
C GLU B 248 30.07 10.59 7.40
N GLY B 249 29.32 11.44 6.72
CA GLY B 249 28.01 11.81 7.23
C GLY B 249 27.11 10.58 7.37
N ASP B 250 26.13 10.67 8.27
CA ASP B 250 25.29 9.52 8.57
C ASP B 250 24.22 9.32 7.50
N ALA B 251 24.31 8.19 6.78
CA ALA B 251 23.36 7.91 5.71
C ALA B 251 21.98 7.53 6.22
N SER B 252 21.93 6.97 7.43
CA SER B 252 20.63 6.70 8.04
C SER B 252 19.93 8.01 8.41
N SER B 253 20.67 8.92 9.05
CA SER B 253 20.15 10.27 9.31
C SER B 253 19.73 10.96 8.02
N ALA B 254 20.47 10.74 6.94
CA ALA B 254 20.16 11.36 5.66
C ALA B 254 18.81 10.92 5.13
N SER B 255 18.41 9.69 5.47
CA SER B 255 17.17 9.15 4.90
C SER B 255 15.96 10.04 5.15
N TYR B 256 15.89 10.67 6.33
CA TYR B 256 14.72 11.50 6.65
C TYR B 256 14.63 12.69 5.71
N PHE B 257 15.77 13.32 5.43
CA PHE B 257 15.78 14.53 4.60
C PHE B 257 15.56 14.19 3.13
N LEU B 258 16.14 13.09 2.66
CA LEU B 258 15.91 12.68 1.28
C LEU B 258 14.44 12.30 1.08
N ALA B 259 13.87 11.57 2.05
CA ALA B 259 12.45 11.24 1.98
C ALA B 259 11.59 12.50 2.01
N ALA B 260 11.97 13.48 2.83
CA ALA B 260 11.18 14.71 2.87
C ALA B 260 11.18 15.39 1.50
N GLY B 261 12.33 15.40 0.83
CA GLY B 261 12.35 15.94 -0.53
C GLY B 261 11.46 15.16 -1.47
N ALA B 262 11.50 13.83 -1.36
CA ALA B 262 10.65 12.99 -2.22
C ALA B 262 9.17 13.28 -2.01
N ILE B 263 8.78 13.58 -0.78
CA ILE B 263 7.37 13.76 -0.43
C ILE B 263 6.90 15.18 -0.73
N LYS B 264 7.71 16.19 -0.38
CA LYS B 264 7.24 17.56 -0.30
C LYS B 264 8.23 18.56 -0.86
N GLY B 265 9.23 18.13 -1.63
CA GLY B 265 10.18 19.05 -2.24
C GLY B 265 9.58 19.64 -3.51
N GLY B 266 10.35 20.51 -4.17
CA GLY B 266 11.69 20.89 -3.75
C GLY B 266 12.76 19.87 -4.03
N THR B 267 14.01 20.33 -3.93
CA THR B 267 15.18 19.46 -3.93
C THR B 267 15.87 19.56 -2.58
N VAL B 268 16.05 18.41 -1.94
CA VAL B 268 16.78 18.33 -0.69
C VAL B 268 18.09 17.60 -0.96
N LYS B 269 19.19 18.25 -0.63
CA LYS B 269 20.52 17.72 -0.85
C LYS B 269 21.15 17.45 0.52
N VAL B 270 21.84 16.32 0.65
CA VAL B 270 22.61 15.99 1.84
C VAL B 270 24.08 15.89 1.43
N THR B 271 24.95 16.48 2.22
CA THR B 271 26.38 16.42 1.97
C THR B 271 27.06 15.57 3.05
N GLY B 272 28.21 15.04 2.68
CA GLY B 272 29.00 14.18 3.55
C GLY B 272 28.89 12.70 3.23
N ILE B 273 28.02 12.34 2.28
CA ILE B 273 27.92 11.00 1.72
C ILE B 273 27.74 11.15 0.21
N GLY B 274 28.04 10.08 -0.50
CA GLY B 274 27.90 10.11 -1.95
C GLY B 274 27.99 8.72 -2.52
N ARG B 275 28.21 8.66 -3.84
CA ARG B 275 28.10 7.39 -4.56
C ARG B 275 29.09 6.34 -4.06
N ASN B 276 30.21 6.75 -3.45
CA ASN B 276 31.24 5.80 -3.04
C ASN B 276 31.31 5.60 -1.53
N SER B 277 30.28 6.01 -0.81
CA SER B 277 30.30 5.83 0.63
CA SER B 277 30.24 5.82 0.64
C SER B 277 30.26 4.35 0.99
N VAL B 278 30.85 4.04 2.15
CA VAL B 278 30.88 2.66 2.62
C VAL B 278 29.59 2.24 3.32
N GLN B 279 28.74 3.19 3.72
CA GLN B 279 27.51 2.87 4.43
C GLN B 279 26.47 2.31 3.49
N GLY B 280 25.84 1.19 3.87
CA GLY B 280 24.82 0.59 3.03
C GLY B 280 23.57 1.41 2.89
N ASP B 281 23.30 2.31 3.83
CA ASP B 281 22.04 3.06 3.76
C ASP B 281 22.00 4.08 2.63
N ILE B 282 23.11 4.31 1.90
CA ILE B 282 22.97 5.12 0.68
C ILE B 282 22.02 4.44 -0.29
N ARG B 283 21.89 3.11 -0.19
CA ARG B 283 21.00 2.39 -1.10
C ARG B 283 19.52 2.72 -0.83
N PHE B 284 19.23 3.38 0.29
CA PHE B 284 17.88 3.89 0.51
C PHE B 284 17.44 4.82 -0.61
N ALA B 285 18.36 5.61 -1.15
CA ALA B 285 17.96 6.51 -2.24
C ALA B 285 17.40 5.73 -3.41
N ASP B 286 17.92 4.53 -3.68
CA ASP B 286 17.40 3.72 -4.77
C ASP B 286 15.91 3.46 -4.58
N VAL B 287 15.50 3.23 -3.33
CA VAL B 287 14.09 2.96 -3.06
C VAL B 287 13.25 4.18 -3.40
N LEU B 288 13.71 5.38 -3.02
CA LEU B 288 12.95 6.57 -3.35
C LEU B 288 12.82 6.71 -4.86
N GLU B 289 13.89 6.36 -5.58
CA GLU B 289 13.85 6.42 -7.03
C GLU B 289 12.80 5.46 -7.56
N LYS B 290 12.75 4.26 -6.98
CA LYS B 290 11.77 3.26 -7.39
C LYS B 290 10.36 3.73 -7.09
N MET B 291 10.19 4.55 -6.05
CA MET B 291 8.88 5.07 -5.73
C MET B 291 8.48 6.23 -6.64
N GLY B 292 9.41 6.83 -7.37
CA GLY B 292 9.07 7.88 -8.33
C GLY B 292 9.75 9.21 -8.08
N ALA B 293 10.55 9.34 -7.05
CA ALA B 293 11.33 10.55 -6.85
C ALA B 293 12.53 10.57 -7.78
N THR B 294 13.11 11.75 -7.95
CA THR B 294 14.31 11.91 -8.78
C THR B 294 15.51 12.04 -7.87
N VAL B 295 16.52 11.20 -8.09
CA VAL B 295 17.69 11.14 -7.22
C VAL B 295 18.91 11.50 -8.06
N THR B 296 19.71 12.43 -7.57
CA THR B 296 20.96 12.80 -8.20
CA THR B 296 20.96 12.84 -8.19
C THR B 296 22.12 12.53 -7.25
N TRP B 297 23.21 12.05 -7.81
CA TRP B 297 24.36 11.58 -7.05
C TRP B 297 25.60 12.43 -7.35
N GLY B 298 26.41 12.63 -6.32
CA GLY B 298 27.75 13.17 -6.48
C GLY B 298 28.73 12.42 -5.61
N ASP B 299 29.98 12.87 -5.63
CA ASP B 299 31.01 12.25 -4.80
C ASP B 299 30.79 12.56 -3.34
N ASP B 300 30.20 13.72 -3.03
CA ASP B 300 29.99 14.12 -1.65
C ASP B 300 28.58 14.70 -1.44
N PHE B 301 27.63 14.35 -2.28
CA PHE B 301 26.23 14.64 -1.98
C PHE B 301 25.32 13.57 -2.55
N ILE B 302 24.13 13.52 -1.98
CA ILE B 302 22.98 12.85 -2.61
C ILE B 302 21.84 13.86 -2.53
N ALA B 303 21.06 13.97 -3.60
CA ALA B 303 19.92 14.87 -3.58
C ALA B 303 18.67 14.17 -4.09
N CYS B 304 17.54 14.56 -3.54
CA CYS B 304 16.25 14.00 -3.93
C CYS B 304 15.26 15.12 -4.21
N THR B 305 14.59 15.00 -5.37
CA THR B 305 13.60 15.96 -5.84
C THR B 305 12.26 15.24 -5.95
N HIS B 306 11.21 15.92 -5.51
CA HIS B 306 9.87 15.33 -5.49
C HIS B 306 9.44 14.81 -6.84
N GLY B 307 8.84 13.62 -6.81
CA GLY B 307 8.03 13.11 -7.90
C GLY B 307 6.86 12.35 -7.31
N GLU B 308 5.95 11.93 -8.19
CA GLU B 308 4.73 11.26 -7.75
C GLU B 308 5.08 9.89 -7.19
N LEU B 309 4.69 9.63 -5.94
CA LEU B 309 5.17 8.48 -5.19
C LEU B 309 4.22 7.29 -5.31
N LYS B 310 4.79 6.13 -5.59
CA LYS B 310 4.07 4.87 -5.71
C LYS B 310 4.64 3.84 -4.74
N ALA B 311 3.77 2.98 -4.23
CA ALA B 311 4.18 2.01 -3.24
C ALA B 311 5.17 1.01 -3.82
N VAL B 312 5.97 0.42 -2.93
CA VAL B 312 6.90 -0.65 -3.29
C VAL B 312 6.64 -1.88 -2.43
N ASP B 313 7.11 -3.03 -2.93
CA ASP B 313 7.10 -4.30 -2.21
C ASP B 313 8.50 -4.87 -2.35
N MET B 314 9.28 -4.81 -1.27
CA MET B 314 10.71 -5.08 -1.36
C MET B 314 11.23 -5.76 -0.10
N ASP B 315 12.22 -6.63 -0.30
CA ASP B 315 13.08 -7.12 0.78
C ASP B 315 13.99 -5.98 1.25
N MET B 316 13.90 -5.63 2.53
CA MET B 316 14.63 -4.50 3.09
CA MET B 316 14.65 -4.50 3.08
C MET B 316 15.78 -4.92 4.01
N ASN B 317 16.19 -6.19 3.95
CA ASN B 317 17.20 -6.68 4.89
C ASN B 317 18.52 -5.93 4.77
N HIS B 318 18.80 -5.36 3.59
CA HIS B 318 20.05 -4.64 3.37
C HIS B 318 20.03 -3.23 3.94
N ILE B 319 18.87 -2.71 4.31
CA ILE B 319 18.72 -1.35 4.85
C ILE B 319 17.73 -1.35 6.00
N PRO B 320 17.96 -2.13 7.05
CA PRO B 320 16.92 -2.26 8.09
C PRO B 320 16.56 -0.96 8.81
N ASP B 321 17.51 -0.06 9.00
CA ASP B 321 17.22 1.19 9.70
C ASP B 321 16.51 2.18 8.77
N ALA B 322 17.12 2.47 7.63
CA ALA B 322 16.49 3.38 6.67
C ALA B 322 15.15 2.84 6.17
N ALA B 323 14.93 1.53 6.22
CA ALA B 323 13.64 0.98 5.83
C ALA B 323 12.50 1.56 6.67
N MET B 324 12.75 1.87 7.94
CA MET B 324 11.70 2.48 8.75
C MET B 324 11.22 3.77 8.11
N THR B 325 12.13 4.54 7.50
CA THR B 325 11.74 5.78 6.83
C THR B 325 10.75 5.51 5.71
N ILE B 326 10.97 4.41 4.98
CA ILE B 326 10.01 4.05 3.93
C ILE B 326 8.65 3.77 4.52
N ALA B 327 8.61 3.21 5.74
CA ALA B 327 7.32 2.87 6.34
C ALA B 327 6.45 4.11 6.51
N THR B 328 7.05 5.25 6.91
CA THR B 328 6.22 6.45 7.02
C THR B 328 6.11 7.19 5.69
N ALA B 329 7.13 7.09 4.84
CA ALA B 329 7.00 7.71 3.52
C ALA B 329 5.87 7.06 2.74
N ALA B 330 5.60 5.78 3.02
CA ALA B 330 4.51 5.06 2.38
C ALA B 330 3.17 5.72 2.60
N LEU B 331 3.03 6.51 3.67
CA LEU B 331 1.76 7.20 3.89
C LEU B 331 1.41 8.14 2.75
N PHE B 332 2.42 8.57 1.99
CA PHE B 332 2.29 9.55 0.93
C PHE B 332 2.31 8.93 -0.45
N ALA B 333 2.38 7.62 -0.55
CA ALA B 333 2.49 6.91 -1.81
C ALA B 333 1.15 6.29 -2.19
N GLN B 334 0.97 6.05 -3.48
CA GLN B 334 -0.23 5.39 -3.98
CA GLN B 334 -0.23 5.39 -3.98
C GLN B 334 -0.05 3.88 -3.90
N GLY B 335 -0.99 3.21 -3.23
CA GLY B 335 -0.99 1.77 -3.10
C GLY B 335 -0.44 1.32 -1.75
N THR B 336 -0.34 0.01 -1.61
CA THR B 336 0.10 -0.64 -0.37
C THR B 336 1.57 -0.99 -0.48
N THR B 337 2.35 -0.52 0.52
CA THR B 337 3.78 -0.79 0.59
C THR B 337 4.02 -1.99 1.49
N THR B 338 4.88 -2.91 1.05
CA THR B 338 5.25 -4.07 1.85
C THR B 338 6.77 -4.06 2.01
N LEU B 339 7.23 -4.13 3.25
CA LEU B 339 8.65 -4.20 3.57
C LEU B 339 8.90 -5.57 4.20
N ARG B 340 9.76 -6.37 3.56
CA ARG B 340 9.97 -7.76 3.94
C ARG B 340 11.35 -8.03 4.50
N ASN B 341 11.44 -9.13 5.24
CA ASN B 341 12.72 -9.67 5.73
C ASN B 341 13.39 -8.73 6.73
N ILE B 342 12.59 -8.28 7.71
CA ILE B 342 13.01 -7.32 8.73
C ILE B 342 12.71 -7.84 10.14
N TYR B 343 12.83 -9.15 10.34
CA TYR B 343 12.54 -9.73 11.64
C TYR B 343 13.28 -9.04 12.78
N ASN B 344 14.57 -8.69 12.56
CA ASN B 344 15.32 -8.18 13.70
C ASN B 344 14.93 -6.75 14.12
N TRP B 345 13.98 -6.13 13.41
CA TRP B 345 13.31 -4.95 13.98
C TRP B 345 12.82 -5.26 15.39
N ARG B 346 12.46 -6.51 15.67
CA ARG B 346 11.87 -6.85 16.95
C ARG B 346 12.86 -6.80 18.11
N VAL B 347 14.18 -6.83 17.83
CA VAL B 347 15.18 -6.94 18.90
C VAL B 347 16.08 -5.70 19.00
N LYS B 348 15.56 -4.59 18.49
CA LYS B 348 16.39 -3.35 18.45
C LYS B 348 15.98 -2.38 19.55
N GLU B 349 16.07 -1.07 19.29
CA GLU B 349 15.84 -0.10 20.35
C GLU B 349 14.49 -0.31 21.02
N THR B 350 13.49 -0.70 20.25
CA THR B 350 12.23 -1.26 20.72
C THR B 350 11.89 -2.41 19.76
N ASP B 351 10.77 -3.10 20.00
CA ASP B 351 10.24 -3.98 18.95
C ASP B 351 9.63 -3.07 17.88
N ARG B 352 10.39 -2.82 16.83
CA ARG B 352 10.00 -1.80 15.86
C ARG B 352 8.86 -2.26 14.97
N LEU B 353 8.64 -3.57 14.79
CA LEU B 353 7.46 -3.98 14.04
C LEU B 353 6.18 -3.64 14.81
N PHE B 354 6.16 -3.95 16.11
CA PHE B 354 5.00 -3.58 16.92
C PHE B 354 4.82 -2.08 16.98
N ALA B 355 5.91 -1.34 17.20
CA ALA B 355 5.80 0.10 17.40
C ALA B 355 5.40 0.80 16.11
N MET B 356 6.05 0.48 15.01
CA MET B 356 5.69 1.10 13.73
CA MET B 356 5.68 1.11 13.75
C MET B 356 4.23 0.82 13.38
N ALA B 357 3.78 -0.44 13.55
CA ALA B 357 2.40 -0.75 13.19
C ALA B 357 1.42 0.04 14.08
N THR B 358 1.68 0.08 15.38
CA THR B 358 0.79 0.76 16.31
C THR B 358 0.65 2.25 15.98
N GLU B 359 1.79 2.91 15.75
CA GLU B 359 1.74 4.36 15.54
C GLU B 359 1.22 4.70 14.13
N LEU B 360 1.55 3.87 13.14
CA LEU B 360 1.00 4.11 11.81
C LEU B 360 -0.51 4.03 11.82
N ARG B 361 -1.08 3.08 12.57
CA ARG B 361 -2.54 3.01 12.61
C ARG B 361 -3.14 4.27 13.22
N LYS B 362 -2.43 4.93 14.13
CA LYS B 362 -3.02 6.12 14.77
C LYS B 362 -3.14 7.25 13.75
N VAL B 363 -2.25 7.30 12.75
CA VAL B 363 -2.44 8.34 11.73
C VAL B 363 -3.39 7.91 10.63
N GLY B 364 -3.97 6.72 10.71
CA GLY B 364 -5.03 6.29 9.83
C GLY B 364 -4.68 5.16 8.89
N ALA B 365 -3.42 4.72 8.85
CA ALA B 365 -3.06 3.67 7.93
C ALA B 365 -3.66 2.34 8.37
N GLU B 366 -3.95 1.49 7.39
CA GLU B 366 -4.25 0.08 7.65
CA GLU B 366 -4.24 0.08 7.66
C GLU B 366 -2.93 -0.68 7.57
N VAL B 367 -2.61 -1.43 8.62
CA VAL B 367 -1.31 -2.05 8.75
C VAL B 367 -1.49 -3.52 9.09
N GLU B 368 -0.81 -4.37 8.34
CA GLU B 368 -0.62 -5.76 8.71
C GLU B 368 0.78 -5.88 9.31
N GLU B 369 0.83 -6.26 10.58
CA GLU B 369 2.10 -6.47 11.27
C GLU B 369 2.43 -7.94 11.13
N GLY B 370 3.29 -8.25 10.17
CA GLY B 370 3.72 -9.61 9.98
C GLY B 370 4.81 -9.99 10.96
N GLU B 371 5.10 -11.28 11.03
CA GLU B 371 6.14 -11.71 11.95
C GLU B 371 7.48 -11.07 11.60
N ASP B 372 7.77 -10.93 10.30
CA ASP B 372 9.04 -10.39 9.82
C ASP B 372 8.84 -9.46 8.63
N TYR B 373 7.66 -8.85 8.53
CA TYR B 373 7.35 -7.91 7.45
C TYR B 373 6.26 -6.97 7.95
N ILE B 374 6.08 -5.87 7.22
CA ILE B 374 5.00 -4.94 7.51
C ILE B 374 4.36 -4.50 6.19
N ARG B 375 3.02 -4.42 6.18
CA ARG B 375 2.28 -3.98 5.02
C ARG B 375 1.46 -2.76 5.42
N ILE B 376 1.58 -1.68 4.64
CA ILE B 376 1.07 -0.36 5.00
C ILE B 376 0.20 0.16 3.86
N THR B 377 -1.07 0.40 4.15
CA THR B 377 -1.99 1.00 3.21
C THR B 377 -2.36 2.39 3.72
N PRO B 378 -2.10 3.46 2.97
CA PRO B 378 -2.35 4.81 3.49
C PRO B 378 -3.81 5.08 3.68
N PRO B 379 -4.18 5.97 4.61
CA PRO B 379 -5.55 6.46 4.65
C PRO B 379 -5.80 7.46 3.52
N ALA B 380 -7.08 7.69 3.25
CA ALA B 380 -7.44 8.75 2.31
C ALA B 380 -7.01 10.11 2.85
N LYS B 381 -7.09 10.30 4.17
CA LYS B 381 -6.74 11.56 4.82
C LYS B 381 -5.95 11.23 6.08
N LEU B 382 -4.77 11.81 6.23
CA LEU B 382 -3.99 11.59 7.44
C LEU B 382 -4.67 12.22 8.65
N LYS B 383 -4.61 11.49 9.77
CA LYS B 383 -5.19 11.92 11.04
CA LYS B 383 -5.19 11.92 11.03
C LYS B 383 -4.11 12.48 11.96
N TYR B 384 -4.49 13.48 12.75
CA TYR B 384 -3.62 13.94 13.82
C TYR B 384 -3.47 12.85 14.87
N ALA B 385 -2.23 12.66 15.32
CA ALA B 385 -1.96 11.76 16.42
C ALA B 385 -0.81 12.28 17.27
N GLU B 386 -0.82 11.84 18.53
CA GLU B 386 0.34 11.91 19.41
C GLU B 386 1.09 10.59 19.26
N ILE B 387 2.32 10.67 18.80
CA ILE B 387 3.10 9.49 18.46
C ILE B 387 3.98 9.09 19.64
N GLY B 388 3.77 7.88 20.16
CA GLY B 388 4.71 7.33 21.12
C GLY B 388 5.99 6.89 20.42
N THR B 389 7.12 7.12 21.09
CA THR B 389 8.41 6.90 20.43
C THR B 389 9.25 5.81 21.06
N TYR B 390 8.81 5.19 22.16
CA TYR B 390 9.37 3.91 22.62
C TYR B 390 10.87 4.00 22.93
N ASN B 391 11.32 5.17 23.38
CA ASN B 391 12.74 5.49 23.56
CA ASN B 391 12.75 5.41 23.59
C ASN B 391 13.58 5.06 22.35
N ASP B 392 13.05 5.36 21.18
CA ASP B 392 13.65 4.99 19.90
C ASP B 392 13.74 6.22 19.01
N HIS B 393 14.93 6.79 18.93
CA HIS B 393 15.25 7.89 18.03
C HIS B 393 14.57 7.80 16.67
N ARG B 394 14.55 6.63 16.06
CA ARG B 394 14.02 6.50 14.68
C ARG B 394 12.49 6.59 14.66
N MET B 395 11.81 6.18 15.73
CA MET B 395 10.37 6.43 15.74
C MET B 395 10.08 7.93 15.66
N ALA B 396 10.82 8.73 16.42
CA ALA B 396 10.60 10.18 16.37
C ALA B 396 10.92 10.74 14.98
N MET B 397 12.06 10.32 14.41
CA MET B 397 12.46 10.89 13.12
C MET B 397 11.54 10.41 11.99
N CYS B 398 11.15 9.14 12.00
CA CYS B 398 10.25 8.66 10.96
C CYS B 398 8.92 9.37 10.99
N PHE B 399 8.34 9.55 12.19
CA PHE B 399 7.02 10.15 12.26
C PHE B 399 7.03 11.67 12.08
N SER B 400 8.20 12.31 12.13
CA SER B 400 8.25 13.72 11.76
C SER B 400 7.72 13.95 10.34
N LEU B 401 7.83 12.95 9.48
CA LEU B 401 7.41 13.11 8.09
C LEU B 401 5.90 13.29 7.96
N VAL B 402 5.13 12.90 8.97
CA VAL B 402 3.68 13.09 8.92
C VAL B 402 3.33 14.56 8.72
N ALA B 403 4.16 15.48 9.23
CA ALA B 403 3.87 16.90 9.13
C ALA B 403 4.03 17.45 7.72
N LEU B 404 4.50 16.64 6.76
CA LEU B 404 4.60 17.02 5.36
C LEU B 404 3.24 16.82 4.71
N SER B 405 2.21 17.31 5.36
CA SER B 405 0.85 17.03 4.97
C SER B 405 0.01 18.19 5.48
N ASP B 406 -1.31 18.01 5.46
CA ASP B 406 -2.22 19.00 5.98
C ASP B 406 -2.58 18.77 7.43
N THR B 407 -1.88 17.84 8.11
CA THR B 407 -2.13 17.71 9.53
C THR B 407 -0.82 17.85 10.31
N PRO B 408 -0.87 18.50 11.47
CA PRO B 408 0.28 18.46 12.38
C PRO B 408 0.46 17.06 12.90
N VAL B 409 1.62 16.84 13.51
CA VAL B 409 1.85 15.60 14.26
C VAL B 409 2.53 16.00 15.55
N THR B 410 2.23 15.30 16.64
CA THR B 410 2.91 15.51 17.91
C THR B 410 3.80 14.31 18.23
N ILE B 411 5.09 14.58 18.46
CA ILE B 411 6.09 13.57 18.77
C ILE B 411 6.31 13.58 20.27
N LEU B 412 6.02 12.45 20.94
CA LEU B 412 6.29 12.37 22.36
C LEU B 412 7.77 12.06 22.58
N ASP B 413 8.30 12.57 23.69
CA ASP B 413 9.70 12.40 24.06
C ASP B 413 10.65 12.71 22.90
N PRO B 414 10.54 13.89 22.29
CA PRO B 414 11.37 14.20 21.11
C PRO B 414 12.87 14.11 21.34
N LYS B 415 13.32 14.28 22.57
CA LYS B 415 14.75 14.23 22.84
C LYS B 415 15.33 12.84 22.66
N CYS B 416 14.51 11.81 22.47
CA CYS B 416 15.06 10.49 22.16
C CYS B 416 15.85 10.49 20.86
N THR B 417 15.67 11.52 20.00
CA THR B 417 16.50 11.54 18.79
C THR B 417 17.98 11.61 19.12
N ALA B 418 18.33 12.03 20.34
CA ALA B 418 19.74 12.24 20.67
C ALA B 418 20.55 10.95 20.65
N LYS B 419 19.92 9.78 20.54
CA LYS B 419 20.71 8.55 20.42
C LYS B 419 21.70 8.63 19.26
N THR B 420 21.27 9.21 18.13
CA THR B 420 22.10 9.40 16.94
C THR B 420 22.04 10.78 16.33
N PHE B 421 21.12 11.64 16.72
CA PHE B 421 20.94 12.90 16.00
C PHE B 421 20.28 13.94 16.91
N PRO B 422 21.04 14.50 17.85
CA PRO B 422 20.43 15.44 18.82
C PRO B 422 19.71 16.59 18.17
N ASP B 423 20.22 17.12 17.06
CA ASP B 423 19.68 18.33 16.46
C ASP B 423 18.72 18.05 15.31
N TYR B 424 18.15 16.86 15.25
CA TYR B 424 17.28 16.48 14.11
C TYR B 424 16.19 17.52 13.82
N PHE B 425 15.42 17.91 14.83
CA PHE B 425 14.25 18.75 14.52
C PHE B 425 14.66 20.14 14.06
N GLU B 426 15.76 20.67 14.60
CA GLU B 426 16.26 21.96 14.12
C GLU B 426 16.73 21.84 12.67
N GLN B 427 17.39 20.74 12.33
CA GLN B 427 17.83 20.54 10.95
CA GLN B 427 17.83 20.54 10.95
C GLN B 427 16.64 20.41 10.01
N LEU B 428 15.59 19.70 10.44
CA LEU B 428 14.37 19.64 9.63
C LEU B 428 13.75 21.02 9.47
N ALA B 429 13.69 21.79 10.56
CA ALA B 429 13.11 23.13 10.48
C ALA B 429 13.85 24.01 9.48
N ARG B 430 15.18 23.86 9.40
CA ARG B 430 15.97 24.71 8.51
C ARG B 430 15.60 24.53 7.04
N ILE B 431 15.09 23.35 6.66
CA ILE B 431 14.70 23.13 5.25
C ILE B 431 13.20 23.25 5.04
N SER B 432 12.42 23.59 6.08
CA SER B 432 10.97 23.60 6.03
C SER B 432 10.42 25.00 5.78
N THR B 433 9.42 25.08 4.90
CA THR B 433 8.57 26.26 4.78
C THR B 433 7.20 25.86 5.31
N LEU B 434 6.74 26.55 6.36
CA LEU B 434 5.49 26.15 7.00
C LEU B 434 4.27 26.59 6.20
N ALA B 435 3.22 25.80 6.26
CA ALA B 435 1.95 26.14 5.62
C ALA B 435 1.28 27.26 6.41
C1 S3P C . -19.95 -0.88 -14.84
C2 S3P C . -19.10 0.14 -14.61
C3 S3P C . -19.34 1.24 -13.62
C4 S3P C . -20.56 0.93 -12.74
C5 S3P C . -21.70 0.37 -13.58
C6 S3P C . -21.28 -0.97 -14.16
C7 S3P C . -19.53 -1.92 -15.76
O1 S3P C . -19.47 2.50 -14.31
O2 S3P C . -20.99 2.08 -12.02
O3 S3P C . -22.87 0.21 -12.80
O4 S3P C . -18.62 -1.70 -16.53
O5 S3P C . -20.09 -2.99 -15.74
P1 S3P C . -18.33 3.66 -14.41
O6 S3P C . -18.97 4.75 -15.21
O7 S3P C . -18.04 4.05 -12.98
O8 S3P C . -17.15 3.03 -15.10
C FMT D . -25.56 0.48 -11.63
O1 FMT D . -25.47 -0.73 -11.59
O2 FMT D . -25.36 1.27 -10.64
P PO4 E . -25.04 1.38 -15.93
O1 PO4 E . -26.21 1.98 -16.67
O2 PO4 E . -24.38 0.22 -16.61
O3 PO4 E . -25.57 0.88 -14.56
O4 PO4 E . -23.99 2.45 -15.62
OH2 1PE F . -6.99 -14.17 -11.39
C12 1PE F . -8.10 -14.81 -10.78
C22 1PE F . -8.66 -14.02 -9.65
OH3 1PE F . -9.16 -12.78 -10.15
C13 1PE F . -9.81 -10.54 -9.65
C23 1PE F . -9.63 -11.92 -9.11
OH4 1PE F . -8.59 -10.10 -10.25
C14 1PE F . -7.26 -8.30 -11.09
C24 1PE F . -8.52 -8.69 -10.37
OH5 1PE F . -7.41 -8.59 -12.47
C15 1PE F . -6.71 -8.18 -14.71
C25 1PE F . -6.34 -8.07 -13.26
OH6 1PE F . -6.83 -9.54 -15.06
C16 1PE F . -7.21 -11.05 -16.88
C26 1PE F . -7.55 -9.74 -16.27
OH7 1PE F . -5.84 -11.13 -17.25
C1 GOL G . -18.89 -4.18 -43.92
O1 GOL G . -17.74 -3.99 -44.73
C2 GOL G . -19.50 -5.59 -44.18
O2 GOL G . -19.59 -6.32 -42.99
C3 GOL G . -20.92 -5.37 -44.75
O3 GOL G . -20.95 -5.79 -46.07
C FMT H . -11.22 16.64 4.84
O1 FMT H . -12.37 16.37 5.10
O2 FMT H . -10.72 16.84 3.66
N NO3 I . -25.46 11.98 -44.53
O1 NO3 I . -24.79 11.16 -45.24
O2 NO3 I . -25.06 12.26 -43.36
O3 NO3 I . -26.51 12.50 -44.99
C1 S3P J . 24.68 -1.51 12.89
C2 S3P J . 24.12 -2.65 12.49
C3 S3P J . 22.64 -2.88 12.35
C4 S3P J . 21.88 -1.56 12.51
C5 S3P J . 22.43 -0.76 13.66
C6 S3P J . 23.85 -0.34 13.35
C7 S3P J . 26.12 -1.42 12.87
O1 S3P J . 22.19 -3.87 13.30
O2 S3P J . 20.49 -1.79 12.70
O3 S3P J . 21.64 0.39 13.91
O4 S3P J . 26.79 -2.42 12.86
O5 S3P J . 26.65 -0.31 12.90
P1 S3P J . 21.81 -5.42 12.98
O6 S3P J . 20.68 -5.38 11.99
O7 S3P J . 21.41 -6.00 14.31
O8 S3P J . 23.05 -6.07 12.42
C FMT K . 19.76 2.33 14.92
O1 FMT K . 20.55 3.21 14.67
O2 FMT K . 18.55 2.26 14.47
P PO4 L . 22.21 -0.03 17.81
O1 PO4 L . 21.47 1.13 17.12
O2 PO4 L . 21.65 -1.32 17.27
O3 PO4 L . 21.95 0.09 19.29
O4 PO4 L . 23.66 0.07 17.40
OH2 1PE M . 33.22 2.26 -4.79
C12 1PE M . 32.64 2.01 -3.53
C22 1PE M . 33.67 1.91 -2.44
OH3 1PE M . 33.13 1.17 -1.35
C13 1PE M . 31.19 0.30 -0.29
C23 1PE M . 31.72 1.30 -1.25
OH4 1PE M . 31.56 -1.01 -0.71
C14 1PE M . 31.17 -3.35 -0.55
C24 1PE M . 30.60 -1.98 -0.36
OH5 1PE M . 32.25 -3.54 0.35
C15 1PE M . 33.85 -5.04 1.28
C25 1PE M . 32.91 -4.79 0.16
OH6 1PE M . 34.96 -4.16 1.20
C16 1PE M . 37.08 -3.68 2.21
C26 1PE M . 35.64 -4.01 2.44
OH7 1PE M . 37.71 -4.56 1.31
OH2 1PE N . 16.75 -13.41 7.15
C12 1PE N . 17.34 -14.11 6.07
C22 1PE N . 18.61 -13.47 5.61
OH3 1PE N . 18.39 -12.75 4.41
C13 1PE N . 19.19 -11.20 2.78
C23 1PE N . 19.50 -11.96 4.03
OH4 1PE N . 18.43 -12.03 1.92
C14 1PE N . 16.83 -12.12 0.14
C24 1PE N . 17.92 -11.32 0.80
OH5 1PE N . 17.29 -13.44 -0.15
#